data_5YBI
#
_entry.id   5YBI
#
_cell.length_a   105.017
_cell.length_b   105.017
_cell.length_c   146.642
_cell.angle_alpha   90.00
_cell.angle_beta   90.00
_cell.angle_gamma   120.00
#
_symmetry.space_group_name_H-M   'P 32 2 1'
#
loop_
_entity.id
_entity.type
_entity.pdbx_description
1 polymer 'Probable ATP synthase SpaL/MxiB'
2 non-polymer 'SULFATE ION'
3 non-polymer 'PHOSPHOAMINOPHOSPHONIC ACID-ADENYLATE ESTER'
4 non-polymer 'MAGNESIUM ION'
5 water water
#
_entity_poly.entity_id   1
_entity_poly.type   'polypeptide(L)'
_entity_poly.pdbx_seq_one_letter_code
;(MSE)GSSHHHHHHSSGLVPRGSH(MSE)HTQVGRGLLGAVVNPLGEVTDKFAVTDNSEILYRPVDNAPPLYSERAAIEK
PFLTGIKVIDSLLTCGEGQR(MSE)GIFASAGCGKTFL(MSE)N(MSE)LIEHSGADIYVIGLIGERGREVTETVDYLKN
SEKKSRCVLVYATSDYSSVDRCNAAYIATAIAEFFRTEGHKVALFIDSLTRYARALRDVALAAGESPARRGYPVSVFDSL
PRLLERPGKLKAGGSITAFYTVLLEDDDFADPLAEEVRSILDGHIYLSRNLAQKGQFPAIDSLKSISRVFTQVVDEKHRI
(MSE)AAAFRELLSEIEELRTIIDFGEYKPGENASQDKIYNKISVVESFLKQDYRLGFTYEQT(MSE)ELIGETIR
;
_entity_poly.pdbx_strand_id   A,B
#
# COMPACT_ATOMS: atom_id res chain seq x y z
N SER A 19 -6.51 1.14 23.27
CA SER A 19 -5.42 1.55 24.22
C SER A 19 -5.17 3.05 24.12
N HIS A 20 -5.06 3.70 25.29
CA HIS A 20 -4.91 5.14 25.33
C HIS A 20 -3.53 5.54 25.74
N HIS A 22 0.19 6.59 25.92
CA HIS A 22 1.23 7.32 25.19
C HIS A 22 2.58 6.96 25.76
N THR A 23 3.63 7.12 24.97
CA THR A 23 4.98 6.84 25.41
C THR A 23 5.86 8.01 25.00
N GLN A 24 6.99 8.11 25.67
CA GLN A 24 7.97 9.12 25.32
C GLN A 24 8.59 8.82 23.96
N VAL A 25 8.81 9.88 23.20
CA VAL A 25 9.50 9.79 21.92
C VAL A 25 10.44 10.97 21.87
N GLY A 26 11.43 10.90 21.01
CA GLY A 26 12.28 12.03 20.74
C GLY A 26 13.74 11.70 20.79
N ARG A 27 14.55 12.67 20.41
CA ARG A 27 16.01 12.54 20.44
C ARG A 27 16.48 12.32 21.86
N GLY A 28 15.66 12.75 22.82
CA GLY A 28 15.94 12.53 24.23
C GLY A 28 16.14 11.07 24.62
N LEU A 29 15.63 10.14 23.81
CA LEU A 29 15.73 8.72 24.13
C LEU A 29 16.93 8.05 23.50
N LEU A 30 17.63 8.75 22.62
CA LEU A 30 18.82 8.19 22.00
C LEU A 30 19.86 7.87 23.09
N GLY A 31 20.38 6.66 23.08
CA GLY A 31 21.27 6.19 24.12
C GLY A 31 20.58 5.43 25.26
N ALA A 32 19.25 5.47 25.30
CA ALA A 32 18.51 4.94 26.44
C ALA A 32 18.08 3.48 26.28
N VAL A 33 18.03 2.78 27.43
CA VAL A 33 17.38 1.48 27.57
C VAL A 33 16.05 1.71 28.30
N VAL A 34 14.94 1.36 27.64
CA VAL A 34 13.60 1.63 28.16
C VAL A 34 12.85 0.35 28.47
N ASN A 35 12.15 0.35 29.60
CA ASN A 35 11.39 -0.81 30.02
C ASN A 35 9.94 -0.66 29.53
N PRO A 36 9.11 -1.68 29.71
CA PRO A 36 7.74 -1.61 29.18
C PRO A 36 6.84 -0.53 29.83
N LEU A 37 7.37 0.15 30.83
CA LEU A 37 6.62 1.16 31.57
C LEU A 37 7.09 2.58 31.21
N GLY A 38 8.08 2.67 30.34
CA GLY A 38 8.53 3.94 29.84
C GLY A 38 9.72 4.54 30.57
N GLU A 39 10.20 3.92 31.66
CA GLU A 39 11.29 4.51 32.41
C GLU A 39 12.63 3.96 31.93
N VAL A 40 13.66 4.79 32.09
CA VAL A 40 15.02 4.45 31.65
C VAL A 40 15.77 3.74 32.77
N THR A 41 16.31 2.57 32.46
CA THR A 41 16.86 1.69 33.47
C THR A 41 18.32 1.42 33.20
N ASP A 42 18.79 1.88 32.04
CA ASP A 42 20.21 1.93 31.77
C ASP A 42 20.45 2.86 30.57
N LYS A 43 21.73 3.15 30.32
CA LYS A 43 22.13 3.93 29.16
C LYS A 43 23.36 3.31 28.54
N PHE A 44 23.44 3.35 27.22
CA PHE A 44 24.63 2.88 26.51
C PHE A 44 25.30 4.09 25.81
N ALA A 45 24.70 5.27 25.99
CA ALA A 45 25.26 6.54 25.53
C ALA A 45 24.43 7.66 26.13
N VAL A 46 25.01 8.85 26.21
CA VAL A 46 24.27 10.04 26.64
C VAL A 46 24.27 11.01 25.47
N THR A 47 23.18 11.75 25.33
CA THR A 47 22.98 12.57 24.13
C THR A 47 22.67 13.99 24.52
N ASP A 48 23.21 14.93 23.75
CA ASP A 48 23.10 16.34 24.04
C ASP A 48 21.64 16.78 24.03
N ASN A 49 20.90 16.34 23.02
CA ASN A 49 19.50 16.70 22.89
C ASN A 49 18.64 15.98 23.95
N SER A 50 17.67 16.70 24.50
CA SER A 50 16.74 16.13 25.46
C SER A 50 15.32 16.40 25.02
N GLU A 51 15.10 16.30 23.72
CA GLU A 51 13.75 16.37 23.19
C GLU A 51 12.97 15.18 23.73
N ILE A 52 11.88 15.48 24.44
CA ILE A 52 10.92 14.48 24.85
C ILE A 52 9.51 14.97 24.56
N LEU A 53 8.80 14.22 23.72
CA LEU A 53 7.38 14.43 23.49
C LEU A 53 6.66 13.11 23.74
N TYR A 54 5.33 13.14 23.64
CA TYR A 54 4.53 11.96 23.86
C TYR A 54 3.70 11.61 22.62
N ARG A 55 3.69 10.34 22.27
N ARG A 55 3.67 10.32 22.31
CA ARG A 55 2.88 9.86 21.15
CA ARG A 55 2.94 9.81 21.17
C ARG A 55 2.25 8.51 21.51
C ARG A 55 2.23 8.50 21.56
N PRO A 56 1.11 8.20 20.89
CA PRO A 56 0.38 6.97 21.20
C PRO A 56 1.13 5.75 20.71
N VAL A 57 1.01 4.66 21.44
CA VAL A 57 1.67 3.41 21.09
C VAL A 57 0.80 2.62 20.12
N ASP A 58 -0.49 2.97 20.07
CA ASP A 58 -1.39 2.45 19.06
C ASP A 58 -1.52 3.51 17.96
N ASN A 59 -1.06 3.13 16.78
CA ASN A 59 -1.09 4.02 15.65
C ASN A 59 -1.43 3.22 14.42
N ALA A 60 -2.31 3.77 13.62
CA ALA A 60 -2.65 3.15 12.35
C ALA A 60 -1.43 3.18 11.43
N PRO A 61 -1.31 2.17 10.56
CA PRO A 61 -0.29 2.27 9.51
C PRO A 61 -0.56 3.45 8.57
N PRO A 62 0.44 3.86 7.79
CA PRO A 62 0.21 4.89 6.77
C PRO A 62 -0.88 4.49 5.78
N LEU A 63 -1.63 5.47 5.30
CA LEU A 63 -2.51 5.29 4.15
C LEU A 63 -1.68 4.86 2.93
N TYR A 64 -2.27 4.06 2.05
CA TYR A 64 -1.60 3.65 0.83
C TYR A 64 -1.17 4.89 0.02
N SER A 65 -2.02 5.91 -0.01
CA SER A 65 -1.68 7.16 -0.70
C SER A 65 -0.48 7.88 -0.07
N GLU A 66 -0.12 7.52 1.17
CA GLU A 66 0.98 8.19 1.87
C GLU A 66 2.32 7.49 1.66
N ARG A 67 2.30 6.30 1.07
CA ARG A 67 3.51 5.47 0.96
C ARG A 67 4.27 5.77 -0.31
N ALA A 68 5.60 5.81 -0.17
CA ALA A 68 6.50 5.84 -1.30
C ALA A 68 6.86 4.41 -1.71
N ALA A 69 7.14 4.23 -2.98
CA ALA A 69 7.60 2.95 -3.49
C ALA A 69 8.95 2.61 -2.88
N ILE A 70 9.18 1.33 -2.60
CA ILE A 70 10.51 0.86 -2.17
C ILE A 70 11.40 0.75 -3.41
N GLU A 71 12.42 1.59 -3.53
CA GLU A 71 13.27 1.63 -4.72
C GLU A 71 14.75 1.76 -4.38
N LYS A 72 15.04 2.44 -3.28
CA LYS A 72 16.41 2.63 -2.81
C LYS A 72 16.79 1.48 -1.88
N PRO A 73 17.96 0.86 -2.09
CA PRO A 73 18.31 -0.24 -1.18
C PRO A 73 18.62 0.19 0.25
N PHE A 74 18.27 -0.67 1.19
CA PHE A 74 18.73 -0.57 2.57
C PHE A 74 19.99 -1.41 2.64
N LEU A 75 21.14 -0.75 2.56
CA LEU A 75 22.40 -1.49 2.58
C LEU A 75 22.72 -1.93 4.01
N THR A 76 23.06 -3.22 4.16
CA THR A 76 23.29 -3.82 5.47
C THR A 76 24.78 -3.88 5.83
N GLY A 77 25.63 -3.85 4.82
CA GLY A 77 27.05 -4.03 5.03
C GLY A 77 27.39 -5.51 5.13
N ILE A 78 26.41 -6.36 4.85
CA ILE A 78 26.56 -7.82 4.94
C ILE A 78 26.54 -8.44 3.56
N LYS A 79 27.63 -9.11 3.21
CA LYS A 79 27.92 -9.39 1.81
C LYS A 79 26.87 -10.30 1.15
N VAL A 80 26.45 -11.36 1.86
CA VAL A 80 25.51 -12.31 1.28
C VAL A 80 24.12 -11.67 1.15
N ILE A 81 23.82 -10.71 2.01
CA ILE A 81 22.51 -10.05 1.95
C ILE A 81 22.53 -8.95 0.90
N ASP A 82 23.51 -8.07 0.99
CA ASP A 82 23.57 -6.94 0.11
C ASP A 82 23.65 -7.37 -1.34
N SER A 83 24.09 -8.59 -1.56
CA SER A 83 24.32 -9.09 -2.89
C SER A 83 23.18 -9.95 -3.39
N LEU A 84 22.76 -10.93 -2.60
CA LEU A 84 21.77 -11.91 -3.03
C LEU A 84 20.35 -11.67 -2.52
N LEU A 85 20.19 -10.79 -1.54
CA LEU A 85 18.91 -10.63 -0.85
C LEU A 85 18.71 -9.16 -0.50
N THR A 86 19.07 -8.31 -1.45
CA THR A 86 19.18 -6.89 -1.18
C THR A 86 17.88 -6.40 -0.58
N CYS A 87 18.00 -5.59 0.46
CA CYS A 87 16.84 -5.03 1.14
C CYS A 87 16.55 -3.64 0.61
N GLY A 88 15.32 -3.19 0.79
CA GLY A 88 14.94 -1.87 0.39
C GLY A 88 14.51 -1.04 1.57
N GLU A 89 14.84 0.24 1.50
N GLU A 89 14.81 0.25 1.51
CA GLU A 89 14.39 1.19 2.51
CA GLU A 89 14.40 1.17 2.55
C GLU A 89 12.86 1.18 2.57
C GLU A 89 12.88 1.29 2.61
N GLY A 90 12.31 0.85 3.74
CA GLY A 90 10.87 0.83 3.94
C GLY A 90 10.33 -0.58 3.93
N GLN A 91 11.20 -1.53 3.58
CA GLN A 91 10.86 -2.94 3.60
C GLN A 91 10.65 -3.52 5.00
N ARG A 92 9.86 -4.58 5.08
CA ARG A 92 9.77 -5.45 6.25
C ARG A 92 10.39 -6.79 5.94
N GLY A 94 11.69 -10.66 7.45
CA GLY A 94 11.66 -11.66 8.48
C GLY A 94 13.02 -12.30 8.67
N ILE A 95 13.36 -12.64 9.92
CA ILE A 95 14.54 -13.46 10.26
C ILE A 95 14.06 -14.70 11.03
N PHE A 96 14.18 -15.83 10.37
CA PHE A 96 13.69 -17.10 10.86
C PHE A 96 14.90 -17.93 11.28
N ALA A 97 14.88 -18.36 12.54
CA ALA A 97 16.02 -19.07 13.11
C ALA A 97 15.59 -19.96 14.25
N SER A 98 16.17 -21.15 14.30
CA SER A 98 16.16 -21.97 15.49
C SER A 98 17.29 -21.55 16.39
N ALA A 99 17.35 -22.16 17.58
CA ALA A 99 18.22 -21.68 18.65
C ALA A 99 19.72 -21.83 18.35
N GLY A 100 20.46 -20.81 18.75
CA GLY A 100 21.91 -20.76 18.57
C GLY A 100 22.43 -20.78 17.15
N CYS A 101 21.66 -20.25 16.20
CA CYS A 101 22.11 -20.14 14.82
C CYS A 101 22.66 -18.74 14.53
N GLY A 102 22.72 -17.91 15.56
CA GLY A 102 23.38 -16.61 15.46
C GLY A 102 22.45 -15.48 15.07
N LYS A 103 21.17 -15.58 15.45
CA LYS A 103 20.24 -14.54 15.07
C LYS A 103 20.60 -13.25 15.77
N THR A 104 21.05 -13.32 17.03
CA THR A 104 21.35 -12.10 17.77
C THR A 104 22.56 -11.42 17.15
N PHE A 105 23.56 -12.19 16.77
CA PHE A 105 24.69 -11.58 16.07
C PHE A 105 24.30 -10.93 14.76
N LEU A 106 23.45 -11.59 13.98
CA LEU A 106 22.95 -11.00 12.75
C LEU A 106 22.33 -9.63 13.05
N ASN A 108 22.94 -7.64 15.52
CA ASN A 108 24.01 -6.72 15.90
C ASN A 108 24.75 -6.22 14.67
N LEU A 110 23.40 -6.12 11.55
CA LEU A 110 22.51 -5.31 10.73
C LEU A 110 22.48 -3.90 11.26
N ILE A 111 22.70 -3.75 12.56
CA ILE A 111 22.73 -2.43 13.18
C ILE A 111 24.07 -1.75 12.89
N GLU A 112 25.16 -2.49 13.07
CA GLU A 112 26.54 -1.96 13.04
C GLU A 112 26.96 -1.51 11.63
N HIS A 113 26.77 -2.39 10.67
CA HIS A 113 27.32 -2.25 9.33
C HIS A 113 26.40 -1.57 8.32
N SER A 114 25.17 -1.28 8.72
CA SER A 114 24.22 -0.52 7.92
C SER A 114 24.51 0.96 8.08
N GLY A 115 23.69 1.80 7.44
CA GLY A 115 23.86 3.24 7.48
C GLY A 115 22.57 3.98 7.78
N ALA A 116 21.77 3.49 8.72
CA ALA A 116 20.55 4.18 9.09
C ALA A 116 20.88 5.38 9.97
N ASP A 117 19.97 6.35 10.00
CA ASP A 117 20.10 7.48 10.90
C ASP A 117 19.83 7.07 12.35
N ILE A 118 18.76 6.31 12.54
CA ILE A 118 18.29 5.88 13.85
C ILE A 118 17.97 4.39 13.86
N TYR A 119 18.33 3.75 14.96
CA TYR A 119 18.01 2.35 15.22
C TYR A 119 17.13 2.25 16.43
N VAL A 120 16.06 1.48 16.30
CA VAL A 120 15.19 1.20 17.44
C VAL A 120 15.06 -0.31 17.56
N ILE A 121 15.39 -0.81 18.75
CA ILE A 121 15.38 -2.23 19.04
C ILE A 121 14.33 -2.54 20.08
N GLY A 122 13.66 -3.67 19.87
CA GLY A 122 12.60 -4.09 20.74
C GLY A 122 12.82 -5.55 21.05
N LEU A 123 13.19 -5.82 22.30
CA LEU A 123 13.45 -7.19 22.77
C LEU A 123 12.29 -7.71 23.63
N ILE A 124 11.63 -8.75 23.16
CA ILE A 124 10.36 -9.16 23.72
C ILE A 124 10.46 -10.47 24.46
N GLY A 125 10.32 -10.39 25.77
CA GLY A 125 10.29 -11.57 26.61
C GLY A 125 11.60 -12.31 26.71
N GLU A 126 12.71 -11.66 26.40
CA GLU A 126 14.03 -12.25 26.60
C GLU A 126 14.46 -12.31 28.07
N ARG A 127 15.37 -13.22 28.33
CA ARG A 127 16.00 -13.32 29.65
C ARG A 127 16.82 -12.08 29.90
N GLY A 128 17.00 -11.76 31.18
CA GLY A 128 17.76 -10.59 31.54
C GLY A 128 19.19 -10.62 31.04
N ARG A 129 19.73 -11.83 30.90
CA ARG A 129 21.06 -12.02 30.35
C ARG A 129 21.12 -11.65 28.86
N GLU A 130 20.03 -11.90 28.15
CA GLU A 130 19.98 -11.64 26.72
C GLU A 130 19.87 -10.14 26.47
N VAL A 131 19.10 -9.46 27.30
CA VAL A 131 18.98 -8.03 27.15
C VAL A 131 20.32 -7.37 27.45
N THR A 132 21.09 -7.95 28.36
CA THR A 132 22.37 -7.32 28.75
C THR A 132 23.46 -7.54 27.70
N GLU A 133 23.41 -8.66 26.96
CA GLU A 133 24.30 -8.84 25.82
C GLU A 133 24.11 -7.65 24.88
N THR A 134 22.85 -7.34 24.59
CA THR A 134 22.55 -6.29 23.62
C THR A 134 23.00 -4.95 24.13
N VAL A 135 22.73 -4.66 25.41
CA VAL A 135 23.15 -3.39 26.00
C VAL A 135 24.67 -3.29 26.01
N ASP A 136 25.32 -4.43 26.30
CA ASP A 136 26.78 -4.50 26.32
C ASP A 136 27.28 -4.18 24.91
N TYR A 137 26.61 -4.74 23.90
CA TYR A 137 26.99 -4.54 22.52
C TYR A 137 26.92 -3.04 22.15
N LEU A 138 25.82 -2.39 22.49
CA LEU A 138 25.61 -0.99 22.16
C LEU A 138 26.66 -0.09 22.81
N LYS A 139 26.96 -0.36 24.07
CA LYS A 139 27.95 0.42 24.83
C LYS A 139 29.32 0.45 24.14
N ASN A 140 29.66 -0.64 23.46
CA ASN A 140 30.89 -0.74 22.70
C ASN A 140 30.76 -0.41 21.19
N SER A 141 29.63 0.14 20.74
CA SER A 141 29.40 0.36 19.29
C SER A 141 29.38 1.82 18.86
N GLU A 142 29.81 2.05 17.63
CA GLU A 142 29.80 3.41 17.07
C GLU A 142 28.38 3.96 17.01
N LYS A 143 27.41 3.07 16.89
CA LYS A 143 26.02 3.46 16.71
C LYS A 143 25.34 3.93 17.99
N LYS A 144 26.04 3.81 19.11
CA LYS A 144 25.45 4.07 20.43
C LYS A 144 24.64 5.35 20.48
N SER A 145 25.10 6.39 19.81
CA SER A 145 24.41 7.68 19.87
C SER A 145 23.16 7.70 19.01
N ARG A 146 22.98 6.64 18.23
CA ARG A 146 21.88 6.56 17.26
C ARG A 146 20.76 5.57 17.66
N CYS A 147 20.93 4.87 18.78
CA CYS A 147 20.01 3.78 19.12
C CYS A 147 19.14 4.08 20.31
N VAL A 148 17.96 3.46 20.30
CA VAL A 148 17.11 3.34 21.48
C VAL A 148 16.83 1.86 21.63
N LEU A 149 16.90 1.36 22.86
CA LEU A 149 16.54 -0.02 23.15
C LEU A 149 15.30 -0.09 24.05
N VAL A 150 14.32 -0.88 23.63
CA VAL A 150 13.12 -1.11 24.45
C VAL A 150 13.12 -2.58 24.75
N TYR A 151 12.77 -2.96 25.98
CA TYR A 151 12.80 -4.37 26.35
C TYR A 151 11.70 -4.71 27.29
N ALA A 152 11.37 -5.99 27.29
CA ALA A 152 10.54 -6.59 28.33
C ALA A 152 11.17 -7.93 28.64
N THR A 153 11.84 -8.01 29.79
CA THR A 153 12.49 -9.26 30.16
C THR A 153 11.41 -10.30 30.49
N SER A 154 11.80 -11.57 30.63
CA SER A 154 10.83 -12.66 30.76
C SER A 154 10.01 -12.60 32.07
N ASP A 155 10.45 -11.82 33.06
CA ASP A 155 9.69 -11.65 34.30
C ASP A 155 8.49 -10.73 34.12
N TYR A 156 8.46 -9.99 33.02
CA TYR A 156 7.32 -9.14 32.70
C TYR A 156 6.10 -9.91 32.19
N SER A 157 4.94 -9.33 32.46
CA SER A 157 3.66 -9.86 32.01
C SER A 157 3.48 -9.85 30.50
N SER A 158 2.48 -10.59 30.05
CA SER A 158 2.09 -10.61 28.64
C SER A 158 1.76 -9.20 28.13
N VAL A 159 0.96 -8.46 28.86
CA VAL A 159 0.62 -7.09 28.49
C VAL A 159 1.87 -6.24 28.30
N ASP A 160 2.84 -6.37 29.22
CA ASP A 160 4.08 -5.60 29.15
C ASP A 160 4.97 -6.00 27.95
N ARG A 161 4.98 -7.29 27.63
CA ARG A 161 5.73 -7.78 26.48
C ARG A 161 5.14 -7.16 25.21
N CYS A 162 3.82 -7.22 25.09
CA CYS A 162 3.12 -6.59 23.98
C CYS A 162 3.43 -5.11 23.87
N ASN A 163 3.25 -4.39 24.97
CA ASN A 163 3.48 -2.96 24.95
C ASN A 163 4.91 -2.60 24.57
N ALA A 164 5.88 -3.45 24.93
CA ALA A 164 7.27 -3.21 24.55
C ALA A 164 7.42 -3.13 23.02
N ALA A 165 6.68 -3.96 22.30
CA ALA A 165 6.70 -3.95 20.85
C ALA A 165 6.03 -2.70 20.31
N TYR A 166 4.94 -2.26 20.93
CA TYR A 166 4.25 -1.06 20.49
C TYR A 166 5.10 0.18 20.75
N ILE A 167 5.75 0.21 21.91
CA ILE A 167 6.54 1.37 22.30
C ILE A 167 7.68 1.52 21.30
N ALA A 168 8.35 0.42 20.99
CA ALA A 168 9.45 0.44 20.05
C ALA A 168 8.99 0.96 18.68
N THR A 169 7.90 0.42 18.17
CA THR A 169 7.35 0.84 16.89
C THR A 169 7.00 2.32 16.92
N ALA A 170 6.41 2.76 18.02
CA ALA A 170 5.97 4.16 18.11
C ALA A 170 7.16 5.12 18.15
N ILE A 171 8.28 4.69 18.72
CA ILE A 171 9.46 5.54 18.75
C ILE A 171 10.02 5.64 17.33
N ALA A 172 10.10 4.52 16.64
CA ALA A 172 10.49 4.54 15.24
C ALA A 172 9.57 5.44 14.39
N GLU A 173 8.26 5.34 14.61
CA GLU A 173 7.31 6.15 13.86
C GLU A 173 7.58 7.66 14.01
N PHE A 174 7.89 8.10 15.22
CA PHE A 174 8.17 9.51 15.43
C PHE A 174 9.43 9.94 14.70
N PHE A 175 10.46 9.11 14.73
CA PHE A 175 11.69 9.48 14.04
C PHE A 175 11.43 9.50 12.53
N ARG A 176 10.62 8.57 12.04
CA ARG A 176 10.23 8.59 10.64
C ARG A 176 9.50 9.89 10.26
N THR A 177 8.54 10.33 11.06
CA THR A 177 7.83 11.57 10.73
C THR A 177 8.78 12.76 10.72
N GLU A 178 9.88 12.68 11.48
CA GLU A 178 10.89 13.74 11.50
C GLU A 178 11.74 13.79 10.22
N GLY A 179 11.61 12.78 9.37
CA GLY A 179 12.36 12.72 8.12
C GLY A 179 13.45 11.68 8.12
N HIS A 180 13.66 11.02 9.27
CA HIS A 180 14.79 10.12 9.41
C HIS A 180 14.59 8.78 8.71
N LYS A 181 15.73 8.16 8.40
CA LYS A 181 15.82 6.82 7.85
C LYS A 181 16.01 5.83 8.99
N VAL A 182 14.93 5.17 9.39
CA VAL A 182 14.93 4.38 10.62
C VAL A 182 14.97 2.89 10.39
N ALA A 183 15.79 2.20 11.16
CA ALA A 183 15.79 0.73 11.23
C ALA A 183 15.14 0.25 12.54
N LEU A 184 14.09 -0.56 12.41
CA LEU A 184 13.37 -1.13 13.54
C LEU A 184 13.69 -2.62 13.62
N PHE A 185 14.04 -3.09 14.83
CA PHE A 185 14.30 -4.51 15.06
C PHE A 185 13.39 -5.02 16.16
N ILE A 186 12.66 -6.11 15.89
CA ILE A 186 11.78 -6.71 16.89
C ILE A 186 12.22 -8.16 17.07
N ASP A 187 12.73 -8.47 18.26
CA ASP A 187 13.17 -9.81 18.60
C ASP A 187 12.49 -10.24 19.89
N SER A 188 11.42 -11.03 19.85
CA SER A 188 10.91 -11.71 18.67
C SER A 188 9.40 -11.55 18.54
N LEU A 189 8.91 -11.72 17.31
CA LEU A 189 7.48 -11.79 17.08
C LEU A 189 6.91 -13.00 17.74
N THR A 190 7.74 -14.05 17.87
CA THR A 190 7.25 -15.30 18.42
C THR A 190 6.73 -15.07 19.83
N ARG A 191 7.52 -14.37 20.64
CA ARG A 191 7.15 -14.14 22.04
C ARG A 191 6.13 -13.03 22.13
N TYR A 192 6.21 -12.05 21.24
CA TYR A 192 5.12 -11.10 21.09
C TYR A 192 3.77 -11.80 20.85
N ALA A 193 3.71 -12.76 19.92
CA ALA A 193 2.44 -13.44 19.59
C ALA A 193 1.98 -14.33 20.75
N ARG A 194 2.92 -14.96 21.43
CA ARG A 194 2.58 -15.77 22.59
C ARG A 194 1.97 -14.90 23.69
N ALA A 195 2.50 -13.71 23.86
CA ALA A 195 2.01 -12.80 24.88
C ALA A 195 0.64 -12.28 24.46
N LEU A 196 0.48 -11.99 23.18
CA LEU A 196 -0.78 -11.51 22.67
C LEU A 196 -1.86 -12.61 22.81
N ARG A 197 -1.44 -13.85 22.63
CA ARG A 197 -2.31 -15.00 22.83
C ARG A 197 -2.83 -15.11 24.28
N ASP A 198 -1.94 -14.99 25.25
CA ASP A 198 -2.34 -15.05 26.65
C ASP A 198 -3.33 -13.97 27.02
N VAL A 199 -3.14 -12.78 26.46
CA VAL A 199 -4.05 -11.69 26.72
C VAL A 199 -5.44 -12.04 26.17
N ALA A 200 -5.47 -12.62 24.97
CA ALA A 200 -6.72 -12.99 24.31
C ALA A 200 -7.43 -14.10 25.09
N LEU A 201 -6.68 -15.11 25.53
CA LEU A 201 -7.23 -16.21 26.31
C LEU A 201 -7.82 -15.71 27.63
N ALA A 202 -7.17 -14.72 28.22
CA ALA A 202 -7.61 -14.15 29.50
C ALA A 202 -8.82 -13.26 29.28
N ALA A 203 -9.09 -12.92 28.03
CA ALA A 203 -10.27 -12.14 27.68
C ALA A 203 -11.42 -13.07 27.26
N GLY A 204 -11.18 -14.37 27.38
CA GLY A 204 -12.21 -15.36 27.11
C GLY A 204 -12.29 -15.88 25.69
N GLU A 205 -11.30 -15.58 24.86
CA GLU A 205 -11.33 -16.04 23.48
C GLU A 205 -10.95 -17.51 23.34
N SER A 206 -11.33 -18.08 22.21
CA SER A 206 -11.25 -19.51 22.01
C SER A 206 -10.00 -19.83 21.17
N PRO A 207 -9.27 -20.90 21.52
CA PRO A 207 -8.11 -21.24 20.68
C PRO A 207 -8.51 -21.71 19.27
N ALA A 208 -7.97 -21.06 18.26
CA ALA A 208 -8.27 -21.36 16.86
C ALA A 208 -7.10 -22.08 16.21
N ARG A 209 -7.34 -23.30 15.76
CA ARG A 209 -6.27 -24.16 15.29
C ARG A 209 -5.25 -24.33 16.42
N ARG A 210 -4.03 -23.81 16.25
CA ARG A 210 -3.05 -23.91 17.32
C ARG A 210 -3.52 -23.07 18.49
N GLY A 211 -2.97 -23.27 19.68
CA GLY A 211 -3.47 -22.62 20.88
C GLY A 211 -3.79 -21.12 20.77
N TYR A 212 -3.39 -20.50 19.66
CA TYR A 212 -3.69 -19.09 19.38
C TYR A 212 -5.15 -18.82 19.00
N PRO A 213 -5.82 -17.95 19.77
CA PRO A 213 -7.08 -17.41 19.24
C PRO A 213 -6.86 -16.65 17.93
N VAL A 214 -7.89 -16.57 17.09
CA VAL A 214 -7.72 -16.06 15.72
C VAL A 214 -7.38 -14.58 15.72
N SER A 215 -7.76 -13.86 16.78
CA SER A 215 -7.51 -12.43 16.86
C SER A 215 -6.00 -12.06 16.85
N VAL A 216 -5.11 -12.96 17.25
CA VAL A 216 -3.69 -12.54 17.33
C VAL A 216 -3.13 -12.49 15.92
N PHE A 217 -3.42 -13.48 15.08
CA PHE A 217 -3.03 -13.38 13.69
C PHE A 217 -3.74 -12.24 12.95
N ASP A 218 -5.02 -11.99 13.24
CA ASP A 218 -5.72 -10.86 12.64
C ASP A 218 -5.11 -9.50 13.01
N SER A 219 -4.57 -9.37 14.21
CA SER A 219 -3.96 -8.09 14.62
C SER A 219 -2.59 -7.84 14.00
N LEU A 220 -1.95 -8.90 13.49
CA LEU A 220 -0.56 -8.80 13.06
C LEU A 220 -0.33 -7.78 11.93
N PRO A 221 -1.16 -7.81 10.88
CA PRO A 221 -1.00 -6.83 9.80
C PRO A 221 -0.92 -5.38 10.31
N ARG A 222 -1.70 -5.04 11.31
CA ARG A 222 -1.72 -3.67 11.76
C ARG A 222 -0.36 -3.30 12.36
N LEU A 223 0.21 -4.21 13.15
CA LEU A 223 1.54 -3.94 13.73
C LEU A 223 2.64 -3.92 12.65
N LEU A 224 2.64 -4.94 11.81
CA LEU A 224 3.73 -5.14 10.87
C LEU A 224 3.65 -4.25 9.61
N GLU A 225 2.57 -3.47 9.49
CA GLU A 225 2.41 -2.60 8.34
C GLU A 225 2.60 -1.16 8.74
N ARG A 226 2.92 -0.92 9.99
CA ARG A 226 3.26 0.41 10.44
C ARG A 226 4.57 0.90 9.80
N PRO A 227 5.53 -0.02 9.55
CA PRO A 227 6.75 0.46 8.88
C PRO A 227 6.51 0.85 7.42
N GLY A 228 7.52 1.40 6.76
CA GLY A 228 7.43 1.76 5.38
C GLY A 228 8.05 3.11 5.07
N LYS A 229 8.28 3.35 3.78
CA LYS A 229 8.75 4.63 3.24
C LYS A 229 7.57 5.57 3.02
N LEU A 230 7.71 6.83 3.44
CA LEU A 230 6.66 7.84 3.26
C LEU A 230 6.97 8.78 2.12
N LYS A 231 5.97 9.11 1.32
CA LYS A 231 6.11 10.16 0.30
C LYS A 231 6.64 11.43 0.96
N ALA A 232 6.10 11.73 2.13
CA ALA A 232 6.46 12.92 2.87
C ALA A 232 7.92 12.96 3.34
N GLY A 233 8.65 11.89 3.12
CA GLY A 233 10.03 11.80 3.60
C GLY A 233 10.12 10.93 4.85
N GLY A 234 11.20 10.17 4.96
CA GLY A 234 11.40 9.33 6.13
C GLY A 234 10.95 7.91 5.86
N SER A 235 11.55 6.97 6.59
CA SER A 235 11.20 5.56 6.44
C SER A 235 11.47 4.76 7.70
N ILE A 236 10.76 3.65 7.82
CA ILE A 236 11.10 2.58 8.71
C ILE A 236 11.31 1.31 7.89
N THR A 237 12.50 0.75 8.00
CA THR A 237 12.86 -0.56 7.48
C THR A 237 12.88 -1.49 8.69
N ALA A 238 12.14 -2.61 8.65
CA ALA A 238 11.95 -3.39 9.86
C ALA A 238 12.37 -4.83 9.71
N PHE A 239 13.02 -5.32 10.75
CA PHE A 239 13.43 -6.72 10.87
C PHE A 239 12.70 -7.41 12.06
N TYR A 240 12.05 -8.52 11.77
CA TYR A 240 11.25 -9.24 12.75
C TYR A 240 11.76 -10.65 12.85
N THR A 241 12.16 -11.09 14.04
CA THR A 241 12.62 -12.47 14.19
C THR A 241 11.49 -13.39 14.58
N VAL A 242 11.58 -14.60 14.04
CA VAL A 242 10.62 -15.65 14.29
C VAL A 242 11.43 -16.83 14.81
N LEU A 243 11.13 -17.30 16.01
CA LEU A 243 11.90 -18.38 16.64
C LEU A 243 11.33 -19.71 16.24
N LEU A 244 12.14 -20.51 15.57
CA LEU A 244 11.71 -21.81 15.07
C LEU A 244 12.01 -22.94 16.05
N GLU A 245 11.10 -23.91 16.13
CA GLU A 245 11.37 -25.19 16.76
C GLU A 245 11.96 -26.11 15.70
N ASP A 246 12.74 -27.10 16.13
CA ASP A 246 13.39 -28.03 15.20
C ASP A 246 12.40 -29.03 14.57
N ASP A 247 11.44 -28.50 13.81
CA ASP A 247 10.43 -29.30 13.13
C ASP A 247 9.52 -30.01 14.12
N ASP A 248 9.52 -29.54 15.36
CA ASP A 248 8.80 -30.22 16.45
C ASP A 248 7.28 -30.24 16.25
N PHE A 249 6.66 -29.06 16.33
CA PHE A 249 5.20 -28.94 16.17
C PHE A 249 4.86 -27.98 15.01
N ASP A 251 3.95 -24.61 12.99
CA ASP A 251 4.36 -23.20 13.11
C ASP A 251 3.54 -22.29 12.21
N PRO A 252 2.27 -22.08 12.58
CA PRO A 252 1.41 -21.14 11.84
C PRO A 252 1.92 -19.70 11.92
N LEU A 253 2.60 -19.34 13.00
CA LEU A 253 3.06 -17.98 13.16
C LEU A 253 4.11 -17.64 12.12
N ALA A 254 5.01 -18.57 11.87
CA ALA A 254 6.04 -18.33 10.88
C ALA A 254 5.40 -18.18 9.50
N GLU A 255 4.44 -19.06 9.21
N GLU A 255 4.41 -19.00 9.18
CA GLU A 255 3.68 -19.02 7.96
CA GLU A 255 3.80 -18.92 7.85
C GLU A 255 3.02 -17.66 7.78
C GLU A 255 2.91 -17.68 7.72
N GLU A 256 2.34 -17.21 8.84
CA GLU A 256 1.63 -15.94 8.82
C GLU A 256 2.58 -14.81 8.56
N VAL A 257 3.73 -14.84 9.21
CA VAL A 257 4.70 -13.75 9.09
C VAL A 257 5.34 -13.77 7.72
N ARG A 258 5.62 -14.97 7.22
CA ARG A 258 6.16 -15.14 5.89
C ARG A 258 5.26 -14.48 4.84
N SER A 259 3.95 -14.56 5.06
CA SER A 259 2.98 -14.06 4.12
C SER A 259 2.75 -12.55 4.23
N ILE A 260 2.98 -11.97 5.42
CA ILE A 260 2.73 -10.54 5.64
C ILE A 260 3.92 -9.66 5.29
N LEU A 261 5.12 -10.20 5.44
CA LEU A 261 6.34 -9.41 5.21
C LEU A 261 6.69 -9.48 3.73
N ASP A 262 7.78 -8.87 3.31
CA ASP A 262 8.19 -9.16 1.95
C ASP A 262 9.63 -9.60 1.88
N GLY A 263 9.83 -10.76 2.48
CA GLY A 263 11.09 -11.44 2.46
C GLY A 263 11.37 -12.06 3.80
N HIS A 264 12.16 -13.12 3.76
CA HIS A 264 12.59 -13.81 4.93
C HIS A 264 14.05 -14.22 4.77
N ILE A 265 14.85 -14.00 5.81
CA ILE A 265 16.18 -14.54 5.92
C ILE A 265 16.10 -15.77 6.80
N TYR A 266 16.47 -16.91 6.24
CA TYR A 266 16.49 -18.15 6.98
C TYR A 266 17.91 -18.45 7.50
N LEU A 267 18.00 -18.73 8.79
CA LEU A 267 19.27 -19.10 9.42
C LEU A 267 19.31 -20.61 9.53
N SER A 268 20.33 -21.23 8.95
CA SER A 268 20.44 -22.69 8.88
C SER A 268 21.27 -23.25 10.03
N ARG A 269 20.76 -24.26 10.72
CA ARG A 269 21.51 -24.85 11.83
C ARG A 269 22.69 -25.66 11.27
N ASN A 270 22.47 -26.34 10.14
CA ASN A 270 23.54 -27.01 9.39
C ASN A 270 24.72 -26.06 9.13
N LEU A 271 24.45 -24.85 8.68
CA LEU A 271 25.51 -23.88 8.40
C LEU A 271 26.09 -23.33 9.70
N ALA A 272 25.25 -23.22 10.74
CA ALA A 272 25.69 -22.66 12.01
C ALA A 272 26.69 -23.58 12.70
N GLN A 273 26.37 -24.87 12.78
CA GLN A 273 27.21 -25.82 13.48
C GLN A 273 28.50 -26.03 12.70
N LYS A 274 28.38 -25.86 11.38
CA LYS A 274 29.49 -25.96 10.45
C LYS A 274 30.47 -24.80 10.57
N GLY A 275 30.05 -23.73 11.24
CA GLY A 275 30.90 -22.56 11.39
C GLY A 275 30.65 -21.43 10.40
N GLN A 276 29.74 -21.64 9.45
CA GLN A 276 29.41 -20.62 8.44
C GLN A 276 28.59 -19.46 8.98
N PHE A 277 29.24 -18.48 9.58
CA PHE A 277 28.52 -17.32 10.11
C PHE A 277 28.71 -16.04 9.26
N PRO A 278 27.61 -15.31 8.98
CA PRO A 278 26.23 -15.62 9.39
C PRO A 278 25.66 -16.80 8.65
N ALA A 279 24.91 -17.66 9.34
CA ALA A 279 24.41 -18.91 8.78
C ALA A 279 23.19 -18.77 7.86
N ILE A 280 23.21 -17.71 7.04
CA ILE A 280 22.14 -17.43 6.10
C ILE A 280 22.15 -18.45 4.97
N ASP A 281 21.03 -19.14 4.80
CA ASP A 281 20.82 -20.03 3.70
C ASP A 281 20.09 -19.30 2.55
N SER A 282 20.86 -18.83 1.57
CA SER A 282 20.31 -18.04 0.45
C SER A 282 19.21 -18.77 -0.33
N LEU A 283 19.32 -20.09 -0.48
CA LEU A 283 18.26 -20.86 -1.11
C LEU A 283 16.92 -20.78 -0.40
N LYS A 284 16.93 -20.65 0.92
CA LYS A 284 15.68 -20.61 1.68
C LYS A 284 15.31 -19.17 2.06
N SER A 285 16.03 -18.21 1.51
CA SER A 285 15.80 -16.82 1.80
C SER A 285 15.33 -16.11 0.54
N ILE A 286 14.67 -14.97 0.73
CA ILE A 286 14.33 -14.11 -0.38
C ILE A 286 14.05 -12.69 0.10
N SER A 287 14.50 -11.72 -0.68
CA SER A 287 14.00 -10.37 -0.58
C SER A 287 13.02 -10.08 -1.75
N ARG A 288 11.76 -9.83 -1.42
CA ARG A 288 10.73 -9.67 -2.45
C ARG A 288 10.75 -8.30 -3.10
N VAL A 289 11.70 -7.46 -2.72
CA VAL A 289 11.90 -6.18 -3.39
C VAL A 289 13.23 -6.15 -4.15
N PHE A 290 13.89 -7.29 -4.23
CA PHE A 290 15.24 -7.39 -4.80
C PHE A 290 15.33 -6.67 -6.16
N THR A 291 14.56 -7.17 -7.11
CA THR A 291 14.51 -6.62 -8.45
C THR A 291 14.34 -5.11 -8.52
N GLN A 292 13.50 -4.55 -7.65
CA GLN A 292 13.19 -3.14 -7.75
C GLN A 292 14.21 -2.23 -7.04
N VAL A 293 15.24 -2.79 -6.42
CA VAL A 293 16.23 -1.94 -5.73
C VAL A 293 17.68 -2.10 -6.20
N VAL A 294 17.93 -3.07 -7.07
CA VAL A 294 19.26 -3.19 -7.67
C VAL A 294 19.14 -3.06 -9.20
N ASP A 295 20.19 -2.52 -9.82
CA ASP A 295 20.23 -2.37 -11.26
C ASP A 295 20.43 -3.72 -11.93
N GLU A 296 20.39 -3.73 -13.26
CA GLU A 296 20.41 -4.97 -14.02
C GLU A 296 21.76 -5.65 -13.99
N LYS A 297 22.83 -4.87 -13.89
CA LYS A 297 24.17 -5.45 -13.79
C LYS A 297 24.26 -6.29 -12.52
N HIS A 298 23.80 -5.72 -11.41
CA HIS A 298 23.70 -6.43 -10.15
C HIS A 298 22.91 -7.71 -10.31
N ARG A 299 21.73 -7.61 -10.95
CA ARG A 299 20.87 -8.79 -11.09
C ARG A 299 21.57 -9.91 -11.82
N ILE A 300 22.17 -9.59 -12.95
CA ILE A 300 22.87 -10.57 -13.74
C ILE A 300 24.00 -11.19 -12.91
N ALA A 302 24.37 -11.30 -9.62
CA ALA A 302 23.77 -12.08 -8.53
C ALA A 302 23.23 -13.43 -9.01
N ALA A 303 22.54 -13.43 -10.15
CA ALA A 303 21.97 -14.68 -10.67
C ALA A 303 23.09 -15.64 -11.11
N ALA A 304 24.16 -15.08 -11.66
CA ALA A 304 25.34 -15.89 -11.98
C ALA A 304 25.88 -16.54 -10.71
N PHE A 305 25.96 -15.76 -9.65
CA PHE A 305 26.46 -16.26 -8.36
C PHE A 305 25.57 -17.35 -7.79
N ARG A 306 24.25 -17.23 -7.97
CA ARG A 306 23.32 -18.25 -7.46
C ARG A 306 23.47 -19.53 -8.26
N GLU A 307 23.77 -19.39 -9.55
CA GLU A 307 24.01 -20.54 -10.40
C GLU A 307 25.24 -21.30 -9.90
N LEU A 308 26.33 -20.55 -9.67
CA LEU A 308 27.53 -21.11 -9.07
C LEU A 308 27.23 -21.84 -7.76
N LEU A 309 26.42 -21.23 -6.89
CA LEU A 309 26.02 -21.84 -5.62
C LEU A 309 25.31 -23.18 -5.82
N SER A 310 24.27 -23.21 -6.65
CA SER A 310 23.50 -24.44 -6.85
C SER A 310 24.35 -25.53 -7.52
N GLU A 311 25.39 -25.09 -8.23
CA GLU A 311 26.33 -26.00 -8.86
C GLU A 311 27.32 -26.54 -7.82
N ILE A 312 27.54 -25.78 -6.75
CA ILE A 312 28.41 -26.22 -5.66
C ILE A 312 27.65 -27.21 -4.77
N GLU A 313 26.32 -27.14 -4.79
CA GLU A 313 25.51 -28.06 -4.00
C GLU A 313 25.37 -29.41 -4.69
N GLU A 314 25.41 -29.40 -6.01
CA GLU A 314 25.46 -30.65 -6.79
C GLU A 314 26.69 -31.49 -6.40
N LEU A 315 27.80 -30.80 -6.16
CA LEU A 315 29.03 -31.44 -5.69
C LEU A 315 28.88 -31.97 -4.26
N ARG A 316 28.16 -31.23 -3.42
CA ARG A 316 27.99 -31.56 -2.02
C ARG A 316 27.18 -32.84 -1.80
N THR A 317 26.78 -33.48 -2.90
CA THR A 317 26.10 -34.77 -2.85
C THR A 317 27.12 -35.92 -2.78
N ILE A 318 27.90 -35.94 -1.70
CA ILE A 318 28.81 -37.05 -1.40
C ILE A 318 29.45 -36.84 -0.02
N SER A 331 36.40 -28.30 -15.17
CA SER A 331 34.95 -28.35 -15.19
C SER A 331 34.35 -28.52 -13.80
N GLN A 332 33.90 -29.73 -13.50
CA GLN A 332 33.39 -30.06 -12.16
C GLN A 332 34.43 -29.71 -11.09
N ASP A 333 35.71 -29.85 -11.44
CA ASP A 333 36.80 -29.54 -10.52
C ASP A 333 37.06 -28.04 -10.44
N LYS A 334 36.62 -27.30 -11.46
CA LYS A 334 36.80 -25.86 -11.51
C LYS A 334 35.88 -25.14 -10.53
N ILE A 335 34.63 -25.61 -10.45
CA ILE A 335 33.67 -25.06 -9.49
C ILE A 335 34.02 -25.54 -8.09
N TYR A 336 34.69 -26.69 -8.01
CA TYR A 336 35.17 -27.20 -6.73
C TYR A 336 36.22 -26.25 -6.16
N ASN A 337 37.10 -25.74 -7.01
CA ASN A 337 38.13 -24.81 -6.56
C ASN A 337 37.52 -23.43 -6.24
N LYS A 338 36.29 -23.22 -6.72
CA LYS A 338 35.56 -21.99 -6.43
C LYS A 338 34.89 -22.05 -5.04
N ILE A 339 34.93 -23.21 -4.37
CA ILE A 339 34.25 -23.34 -3.09
C ILE A 339 34.86 -22.48 -1.98
N SER A 340 36.17 -22.57 -1.78
CA SER A 340 36.79 -21.82 -0.68
C SER A 340 36.66 -20.31 -0.89
N VAL A 341 36.58 -19.87 -2.14
CA VAL A 341 36.48 -18.44 -2.41
C VAL A 341 35.02 -18.00 -2.18
N VAL A 342 34.09 -18.91 -2.48
CA VAL A 342 32.67 -18.69 -2.24
C VAL A 342 32.40 -18.66 -0.74
N GLU A 343 32.80 -19.74 -0.06
CA GLU A 343 32.63 -19.84 1.38
C GLU A 343 33.25 -18.62 2.03
N SER A 344 34.39 -18.20 1.49
CA SER A 344 35.04 -17.00 1.99
C SER A 344 34.20 -15.77 1.72
N PHE A 345 33.41 -15.79 0.64
CA PHE A 345 32.49 -14.68 0.35
C PHE A 345 31.34 -14.67 1.36
N LEU A 346 30.67 -15.81 1.53
CA LEU A 346 29.57 -15.95 2.48
C LEU A 346 29.95 -15.63 3.95
N LYS A 347 30.97 -16.32 4.48
CA LYS A 347 31.43 -16.11 5.87
C LYS A 347 31.81 -14.66 6.13
N GLN A 348 31.41 -14.14 7.29
CA GLN A 348 31.67 -12.76 7.62
C GLN A 348 31.61 -12.55 9.14
N ASP A 349 32.80 -12.34 9.72
CA ASP A 349 32.93 -12.04 11.14
C ASP A 349 32.07 -10.84 11.49
N TYR A 350 31.40 -10.96 12.64
CA TYR A 350 30.39 -10.00 13.04
C TYR A 350 30.98 -8.62 13.23
N ARG A 351 32.30 -8.51 13.31
CA ARG A 351 32.94 -7.19 13.52
C ARG A 351 33.23 -6.48 12.21
N LEU A 352 33.12 -7.19 11.09
CA LEU A 352 33.38 -6.61 9.75
C LEU A 352 32.14 -6.17 8.96
N GLY A 353 32.22 -4.95 8.42
CA GLY A 353 31.22 -4.43 7.49
C GLY A 353 31.83 -4.15 6.12
N PHE A 354 31.05 -4.43 5.07
CA PHE A 354 31.49 -4.27 3.67
C PHE A 354 30.63 -3.28 2.91
N THR A 355 31.26 -2.36 2.21
CA THR A 355 30.54 -1.46 1.32
C THR A 355 29.95 -2.26 0.15
N TYR A 356 29.00 -1.65 -0.54
CA TYR A 356 28.37 -2.27 -1.70
C TYR A 356 29.43 -2.61 -2.74
N GLU A 357 30.30 -1.63 -2.97
CA GLU A 357 31.37 -1.75 -3.95
C GLU A 357 32.28 -2.93 -3.60
N GLN A 358 32.64 -3.04 -2.33
CA GLN A 358 33.50 -4.14 -1.87
C GLN A 358 32.83 -5.48 -2.09
N THR A 359 31.54 -5.55 -1.78
CA THR A 359 30.80 -6.80 -1.92
C THR A 359 30.67 -7.22 -3.37
N GLU A 361 32.46 -6.15 -5.90
CA GLU A 361 33.82 -6.44 -6.36
C GLU A 361 34.11 -7.92 -6.13
N LEU A 362 33.78 -8.40 -4.93
CA LEU A 362 34.07 -9.78 -4.57
C LEU A 362 33.18 -10.75 -5.35
N ILE A 363 31.90 -10.43 -5.52
CA ILE A 363 31.00 -11.25 -6.33
C ILE A 363 31.57 -11.36 -7.74
N GLY A 364 31.99 -10.21 -8.27
CA GLY A 364 32.64 -10.14 -9.58
C GLY A 364 33.75 -11.17 -9.78
N GLU A 365 34.62 -11.32 -8.77
CA GLU A 365 35.77 -12.22 -8.87
C GLU A 365 35.41 -13.70 -8.83
N THR A 366 34.31 -14.06 -8.18
CA THR A 366 33.98 -15.48 -8.03
C THR A 366 33.27 -16.01 -9.24
N ILE A 367 32.67 -15.11 -10.03
CA ILE A 367 31.92 -15.53 -11.23
C ILE A 367 32.75 -15.40 -12.51
N ARG A 368 33.98 -14.91 -12.36
CA ARG A 368 34.92 -14.83 -13.47
C ARG A 368 36.06 -15.83 -13.29
N HIS B 20 -19.91 -11.12 10.76
CA HIS B 20 -19.50 -10.65 9.43
C HIS B 20 -20.56 -10.92 8.35
N HIS B 22 -22.43 -11.38 4.74
CA HIS B 22 -22.08 -12.06 3.49
C HIS B 22 -23.02 -11.65 2.35
N THR B 23 -22.58 -11.85 1.12
CA THR B 23 -23.43 -11.61 -0.04
C THR B 23 -23.02 -12.56 -1.12
N GLN B 24 -23.92 -12.78 -2.07
CA GLN B 24 -23.55 -13.49 -3.29
C GLN B 24 -22.56 -12.76 -4.20
N VAL B 25 -21.64 -13.53 -4.75
CA VAL B 25 -20.72 -13.05 -5.75
C VAL B 25 -20.60 -14.12 -6.83
N GLY B 26 -19.81 -13.85 -7.85
CA GLY B 26 -19.62 -14.81 -8.93
C GLY B 26 -20.10 -14.35 -10.28
N ARG B 27 -19.67 -15.05 -11.33
CA ARG B 27 -20.00 -14.71 -12.71
C ARG B 27 -21.48 -14.87 -12.98
N GLY B 28 -22.20 -15.52 -12.08
CA GLY B 28 -23.64 -15.64 -12.19
C GLY B 28 -24.39 -14.34 -11.91
N LEU B 29 -23.67 -13.34 -11.40
CA LEU B 29 -24.28 -12.04 -11.13
C LEU B 29 -24.12 -11.09 -12.29
N LEU B 30 -23.32 -11.46 -13.28
CA LEU B 30 -23.15 -10.60 -14.43
C LEU B 30 -24.53 -10.41 -15.07
N GLY B 31 -24.88 -9.14 -15.36
CA GLY B 31 -26.17 -8.79 -15.91
C GLY B 31 -27.21 -8.45 -14.88
N ALA B 32 -26.88 -8.65 -13.61
CA ALA B 32 -27.87 -8.46 -12.55
C ALA B 32 -27.86 -7.08 -11.90
N VAL B 33 -29.03 -6.74 -11.36
CA VAL B 33 -29.28 -5.55 -10.58
C VAL B 33 -29.57 -6.04 -9.18
N VAL B 34 -28.77 -5.58 -8.22
CA VAL B 34 -28.72 -6.15 -6.86
C VAL B 34 -29.03 -5.11 -5.80
N ASN B 35 -29.99 -5.40 -4.94
CA ASN B 35 -30.37 -4.45 -3.90
C ASN B 35 -29.48 -4.59 -2.65
N PRO B 36 -29.72 -3.79 -1.61
CA PRO B 36 -28.82 -3.81 -0.45
C PRO B 36 -28.89 -5.08 0.40
N LEU B 37 -29.90 -5.93 0.20
CA LEU B 37 -30.00 -7.20 0.92
C LEU B 37 -29.39 -8.33 0.10
N GLY B 38 -28.78 -7.99 -1.02
CA GLY B 38 -28.13 -8.99 -1.84
C GLY B 38 -29.07 -9.65 -2.85
N GLU B 39 -30.31 -9.18 -2.91
CA GLU B 39 -31.33 -9.77 -3.80
C GLU B 39 -31.33 -9.17 -5.21
N VAL B 40 -31.40 -10.07 -6.20
CA VAL B 40 -31.54 -9.69 -7.61
C VAL B 40 -32.97 -9.27 -7.93
N THR B 41 -33.18 -7.98 -8.20
CA THR B 41 -34.50 -7.42 -8.42
C THR B 41 -34.75 -7.13 -9.90
N ASP B 42 -33.71 -7.30 -10.73
CA ASP B 42 -33.83 -7.09 -12.17
C ASP B 42 -32.59 -7.56 -12.89
N LYS B 43 -32.67 -7.56 -14.22
CA LYS B 43 -31.54 -7.94 -15.06
C LYS B 43 -31.49 -7.08 -16.29
N PHE B 44 -30.30 -6.59 -16.63
CA PHE B 44 -30.09 -5.82 -17.87
C PHE B 44 -29.41 -6.72 -18.91
N ALA B 45 -29.05 -7.93 -18.50
CA ALA B 45 -28.50 -8.91 -19.43
C ALA B 45 -28.69 -10.31 -18.87
N VAL B 46 -28.78 -11.30 -19.75
CA VAL B 46 -28.86 -12.71 -19.35
C VAL B 46 -27.61 -13.43 -19.83
N THR B 47 -27.10 -14.30 -18.96
CA THR B 47 -25.95 -15.15 -19.30
C THR B 47 -26.25 -16.63 -18.97
N ASP B 48 -25.56 -17.54 -19.64
CA ASP B 48 -25.72 -18.95 -19.34
C ASP B 48 -24.95 -19.32 -18.08
N ASN B 49 -24.03 -18.46 -17.65
CA ASN B 49 -23.24 -18.73 -16.47
C ASN B 49 -24.08 -18.57 -15.22
N SER B 50 -23.89 -19.48 -14.28
CA SER B 50 -24.69 -19.52 -13.05
C SER B 50 -23.81 -19.64 -11.81
N GLU B 51 -22.52 -19.39 -11.94
CA GLU B 51 -21.62 -19.41 -10.79
C GLU B 51 -22.05 -18.40 -9.73
N ILE B 52 -22.52 -18.89 -8.59
CA ILE B 52 -22.83 -18.05 -7.45
C ILE B 52 -22.18 -18.59 -6.18
N LEU B 53 -21.27 -17.81 -5.58
CA LEU B 53 -20.69 -18.14 -4.28
C LEU B 53 -21.23 -17.22 -3.21
N TYR B 54 -21.01 -17.56 -1.96
CA TYR B 54 -21.44 -16.73 -0.84
C TYR B 54 -20.20 -16.33 -0.07
N ARG B 55 -19.89 -15.03 -0.07
N ARG B 55 -19.91 -15.03 -0.06
CA ARG B 55 -18.62 -14.51 0.43
CA ARG B 55 -18.65 -14.50 0.45
C ARG B 55 -18.85 -13.27 1.31
C ARG B 55 -18.87 -13.26 1.33
N PRO B 56 -17.90 -12.97 2.22
CA PRO B 56 -18.05 -11.83 3.12
C PRO B 56 -17.94 -10.48 2.41
N VAL B 57 -18.61 -9.49 2.96
CA VAL B 57 -18.61 -8.15 2.38
C VAL B 57 -17.72 -7.15 3.13
N ASP B 58 -17.17 -7.53 4.29
CA ASP B 58 -16.34 -6.63 5.09
C ASP B 58 -14.86 -7.04 5.09
N ASN B 59 -14.33 -7.41 3.93
CA ASN B 59 -12.92 -7.79 3.84
C ASN B 59 -11.99 -6.64 4.16
N ALA B 60 -10.92 -6.97 4.86
CA ALA B 60 -9.82 -6.04 5.06
C ALA B 60 -9.15 -5.80 3.70
N PRO B 61 -8.50 -4.65 3.53
CA PRO B 61 -7.71 -4.40 2.34
C PRO B 61 -6.69 -5.48 2.11
N PRO B 62 -6.16 -5.58 0.88
CA PRO B 62 -5.00 -6.45 0.64
C PRO B 62 -3.83 -6.07 1.56
N LEU B 63 -3.06 -7.07 1.98
CA LEU B 63 -1.81 -6.79 2.67
C LEU B 63 -0.89 -6.02 1.74
N TYR B 64 -0.06 -5.16 2.30
CA TYR B 64 0.89 -4.41 1.49
C TYR B 64 1.80 -5.35 0.68
N SER B 65 2.18 -6.48 1.26
CA SER B 65 3.00 -7.47 0.56
C SER B 65 2.25 -8.12 -0.63
N GLU B 66 0.92 -8.06 -0.60
CA GLU B 66 0.09 -8.65 -1.64
C GLU B 66 -0.13 -7.71 -2.84
N ARG B 67 0.16 -6.42 -2.67
CA ARG B 67 -0.13 -5.42 -3.71
C ARG B 67 0.97 -5.33 -4.76
N ALA B 68 0.57 -5.23 -6.03
CA ALA B 68 1.48 -4.86 -7.11
C ALA B 68 1.53 -3.35 -7.19
N ALA B 69 2.60 -2.82 -7.78
CA ALA B 69 2.74 -1.39 -7.97
C ALA B 69 1.82 -0.93 -9.08
N ILE B 70 1.38 0.33 -9.00
CA ILE B 70 0.61 0.92 -10.10
C ILE B 70 1.57 1.47 -11.17
N GLU B 71 1.56 0.87 -12.35
CA GLU B 71 2.49 1.29 -13.39
C GLU B 71 1.93 1.13 -14.80
N LYS B 72 0.85 0.39 -14.93
CA LYS B 72 0.20 0.21 -16.20
C LYS B 72 -1.01 1.16 -16.25
N PRO B 73 -1.21 1.86 -17.37
CA PRO B 73 -2.38 2.76 -17.40
C PRO B 73 -3.70 2.01 -17.41
N PHE B 74 -4.68 2.51 -16.66
CA PHE B 74 -6.08 2.17 -16.90
C PHE B 74 -6.65 3.16 -17.92
N LEU B 75 -6.72 2.76 -19.18
CA LEU B 75 -7.18 3.67 -20.23
C LEU B 75 -8.70 3.82 -20.19
N THR B 76 -9.17 5.05 -20.35
CA THR B 76 -10.59 5.38 -20.24
C THR B 76 -11.24 5.61 -21.60
N GLY B 77 -10.43 5.85 -22.60
CA GLY B 77 -10.91 6.16 -23.93
C GLY B 77 -11.27 7.62 -24.08
N ILE B 78 -11.10 8.38 -23.00
CA ILE B 78 -11.47 9.81 -22.96
C ILE B 78 -10.22 10.69 -23.09
N LYS B 79 -10.22 11.54 -24.12
CA LYS B 79 -8.99 12.23 -24.56
C LYS B 79 -8.33 13.03 -23.45
N VAL B 80 -9.10 13.87 -22.78
CA VAL B 80 -8.56 14.73 -21.76
C VAL B 80 -8.04 13.91 -20.56
N ILE B 81 -8.66 12.78 -20.26
CA ILE B 81 -8.22 11.98 -19.13
C ILE B 81 -6.95 11.23 -19.51
N ASP B 82 -6.98 10.54 -20.64
CA ASP B 82 -5.89 9.65 -20.99
C ASP B 82 -4.61 10.43 -21.28
N SER B 83 -4.76 11.69 -21.70
CA SER B 83 -3.61 12.52 -21.95
C SER B 83 -3.12 13.23 -20.68
N LEU B 84 -4.02 13.89 -19.95
CA LEU B 84 -3.57 14.81 -18.90
C LEU B 84 -3.71 14.26 -17.51
N LEU B 85 -4.59 13.26 -17.39
CA LEU B 85 -5.01 12.78 -16.07
C LEU B 85 -4.91 11.27 -16.01
N THR B 86 -3.92 10.73 -16.71
CA THR B 86 -3.87 9.30 -16.95
C THR B 86 -4.03 8.47 -15.69
N CYS B 87 -5.02 7.59 -15.73
CA CYS B 87 -5.31 6.69 -14.65
C CYS B 87 -4.43 5.45 -14.70
N GLY B 88 -4.16 4.89 -13.53
CA GLY B 88 -3.35 3.70 -13.43
C GLY B 88 -4.20 2.52 -13.00
N GLU B 89 -3.89 1.36 -13.56
CA GLU B 89 -4.58 0.16 -13.16
C GLU B 89 -4.31 -0.11 -11.68
N GLY B 90 -5.40 -0.18 -10.90
CA GLY B 90 -5.32 -0.38 -9.47
C GLY B 90 -5.51 0.89 -8.64
N GLN B 91 -5.54 2.04 -9.30
CA GLN B 91 -5.68 3.29 -8.57
C GLN B 91 -7.12 3.59 -8.14
N ARG B 92 -7.24 4.48 -7.17
CA ARG B 92 -8.50 5.00 -6.71
C ARG B 92 -8.56 6.45 -7.23
N GLY B 94 -10.94 10.00 -7.51
CA GLY B 94 -12.11 10.74 -7.09
C GLY B 94 -12.73 11.51 -8.25
N ILE B 95 -14.05 11.53 -8.30
CA ILE B 95 -14.77 12.41 -9.24
C ILE B 95 -15.62 13.38 -8.39
N PHE B 96 -15.27 14.66 -8.47
CA PHE B 96 -15.90 15.69 -7.68
C PHE B 96 -16.80 16.49 -8.58
N ALA B 97 -18.07 16.56 -8.22
CA ALA B 97 -19.06 17.16 -9.08
C ALA B 97 -20.17 17.76 -8.27
N SER B 98 -20.60 18.94 -8.71
CA SER B 98 -21.83 19.58 -8.25
C SER B 98 -22.94 19.07 -9.12
N ALA B 99 -24.18 19.33 -8.73
CA ALA B 99 -25.29 19.07 -9.62
C ALA B 99 -25.10 19.94 -10.88
N GLY B 100 -25.51 19.43 -12.02
CA GLY B 100 -25.44 20.17 -13.26
C GLY B 100 -24.14 20.12 -14.03
N CYS B 101 -23.22 19.22 -13.66
CA CYS B 101 -21.87 19.13 -14.26
C CYS B 101 -21.63 17.98 -15.23
N GLY B 102 -22.68 17.24 -15.56
CA GLY B 102 -22.56 16.09 -16.45
C GLY B 102 -21.87 14.88 -15.83
N LYS B 103 -22.15 14.65 -14.57
CA LYS B 103 -21.58 13.53 -13.83
C LYS B 103 -21.91 12.18 -14.48
N THR B 104 -23.19 11.98 -14.78
CA THR B 104 -23.67 10.73 -15.36
C THR B 104 -23.12 10.59 -16.76
N PHE B 105 -23.12 11.68 -17.51
CA PHE B 105 -22.48 11.72 -18.82
C PHE B 105 -21.05 11.16 -18.76
N LEU B 106 -20.27 11.55 -17.74
CA LEU B 106 -18.91 11.09 -17.61
C LEU B 106 -18.86 9.60 -17.20
N ASN B 108 -21.09 7.24 -17.69
CA ASN B 108 -21.48 6.43 -18.84
C ASN B 108 -20.33 6.30 -19.82
N LEU B 110 -17.13 6.63 -19.07
CA LEU B 110 -16.03 5.87 -18.47
C LEU B 110 -16.28 4.38 -18.59
N ILE B 111 -17.51 3.97 -18.40
CA ILE B 111 -17.88 2.58 -18.57
C ILE B 111 -17.75 2.14 -20.03
N GLU B 112 -18.24 2.98 -20.94
CA GLU B 112 -18.37 2.60 -22.34
C GLU B 112 -17.04 2.52 -23.09
N HIS B 113 -16.16 3.48 -22.84
CA HIS B 113 -14.98 3.66 -23.65
C HIS B 113 -13.67 3.20 -23.00
N SER B 114 -13.74 2.76 -21.75
CA SER B 114 -12.61 2.07 -21.13
C SER B 114 -12.59 0.61 -21.59
N GLY B 115 -11.65 -0.18 -21.04
CA GLY B 115 -11.43 -1.55 -21.48
C GLY B 115 -11.27 -2.54 -20.35
N ALA B 116 -12.09 -2.41 -19.30
CA ALA B 116 -12.05 -3.34 -18.19
C ALA B 116 -12.72 -4.66 -18.58
N ASP B 117 -12.34 -5.74 -17.91
CA ASP B 117 -13.00 -7.04 -18.12
C ASP B 117 -14.40 -6.99 -17.52
N ILE B 118 -14.51 -6.40 -16.34
CA ILE B 118 -15.75 -6.39 -15.62
C ILE B 118 -15.96 -5.02 -14.96
N TYR B 119 -17.20 -4.54 -14.97
CA TYR B 119 -17.60 -3.31 -14.34
C TYR B 119 -18.57 -3.64 -13.21
N VAL B 120 -18.29 -3.14 -12.02
CA VAL B 120 -19.22 -3.20 -10.90
C VAL B 120 -19.58 -1.76 -10.52
N ILE B 121 -20.87 -1.49 -10.43
CA ILE B 121 -21.37 -0.16 -10.14
C ILE B 121 -22.16 -0.21 -8.87
N GLY B 122 -21.85 0.70 -7.95
CA GLY B 122 -22.61 0.80 -6.71
C GLY B 122 -23.25 2.16 -6.58
N LEU B 123 -24.58 2.19 -6.54
CA LEU B 123 -25.32 3.43 -6.45
C LEU B 123 -25.92 3.55 -5.07
N ILE B 124 -25.54 4.61 -4.36
CA ILE B 124 -25.79 4.70 -2.93
C ILE B 124 -26.76 5.83 -2.60
N GLY B 125 -27.98 5.45 -2.21
CA GLY B 125 -28.95 6.43 -1.75
C GLY B 125 -29.46 7.32 -2.85
N GLU B 126 -29.43 6.84 -4.09
CA GLU B 126 -29.98 7.59 -5.22
C GLU B 126 -31.50 7.46 -5.31
N ARG B 127 -32.13 8.39 -6.03
CA ARG B 127 -33.54 8.25 -6.27
C ARG B 127 -33.73 7.14 -7.32
N GLY B 128 -34.87 6.47 -7.23
CA GLY B 128 -35.15 5.34 -8.13
C GLY B 128 -34.97 5.73 -9.57
N ARG B 129 -35.37 6.95 -9.89
CA ARG B 129 -35.24 7.46 -11.25
C ARG B 129 -33.79 7.43 -11.72
N GLU B 130 -32.86 7.73 -10.81
CA GLU B 130 -31.45 7.75 -11.18
C GLU B 130 -30.89 6.36 -11.34
N VAL B 131 -31.30 5.45 -10.47
CA VAL B 131 -30.91 4.06 -10.61
C VAL B 131 -31.44 3.53 -11.92
N THR B 132 -32.68 3.88 -12.25
CA THR B 132 -33.29 3.44 -13.51
C THR B 132 -32.54 3.97 -14.71
N GLU B 133 -32.00 5.17 -14.61
CA GLU B 133 -31.17 5.70 -15.68
C GLU B 133 -29.99 4.78 -15.98
N THR B 134 -29.35 4.29 -14.92
CA THR B 134 -28.16 3.47 -15.11
C THR B 134 -28.56 2.08 -15.65
N VAL B 135 -29.62 1.50 -15.08
CA VAL B 135 -30.19 0.25 -15.59
C VAL B 135 -30.49 0.35 -17.10
N ASP B 136 -31.19 1.41 -17.48
CA ASP B 136 -31.57 1.58 -18.87
C ASP B 136 -30.34 1.81 -19.71
N TYR B 137 -29.38 2.54 -19.17
CA TYR B 137 -28.12 2.70 -19.90
C TYR B 137 -27.43 1.33 -20.14
N LEU B 138 -27.38 0.49 -19.11
CA LEU B 138 -26.80 -0.85 -19.21
C LEU B 138 -27.65 -1.80 -20.07
N LYS B 139 -28.97 -1.68 -20.04
CA LYS B 139 -29.81 -2.46 -20.97
C LYS B 139 -29.49 -2.14 -22.43
N ASN B 140 -29.05 -0.92 -22.71
CA ASN B 140 -28.71 -0.58 -24.10
C ASN B 140 -27.22 -0.59 -24.36
N SER B 141 -26.45 -1.15 -23.44
CA SER B 141 -24.99 -1.18 -23.59
C SER B 141 -24.49 -2.51 -24.14
N GLU B 142 -23.50 -2.43 -25.02
CA GLU B 142 -22.81 -3.61 -25.54
C GLU B 142 -22.09 -4.36 -24.42
N LYS B 143 -21.75 -3.64 -23.36
CA LYS B 143 -20.99 -4.20 -22.25
C LYS B 143 -21.89 -4.79 -21.17
N LYS B 144 -23.17 -4.88 -21.48
CA LYS B 144 -24.17 -5.33 -20.51
C LYS B 144 -23.81 -6.67 -19.86
N SER B 145 -23.15 -7.55 -20.59
CA SER B 145 -22.85 -8.88 -20.07
C SER B 145 -21.63 -8.86 -19.15
N ARG B 146 -20.90 -7.75 -19.15
CA ARG B 146 -19.69 -7.59 -18.36
CA ARG B 146 -19.68 -7.59 -18.35
C ARG B 146 -19.93 -6.72 -17.12
N CYS B 147 -21.19 -6.49 -16.77
CA CYS B 147 -21.52 -5.56 -15.68
C CYS B 147 -22.40 -6.11 -14.57
N VAL B 148 -22.17 -5.60 -13.37
CA VAL B 148 -23.07 -5.82 -12.26
C VAL B 148 -23.42 -4.47 -11.65
N LEU B 149 -24.70 -4.29 -11.32
CA LEU B 149 -25.17 -3.07 -10.66
C LEU B 149 -25.75 -3.40 -9.28
N VAL B 150 -25.23 -2.71 -8.26
CA VAL B 150 -25.75 -2.78 -6.90
C VAL B 150 -26.31 -1.42 -6.58
N TYR B 151 -27.46 -1.38 -5.91
CA TYR B 151 -28.09 -0.15 -5.59
C TYR B 151 -28.72 -0.15 -4.22
N ALA B 152 -28.81 1.06 -3.69
CA ALA B 152 -29.66 1.36 -2.57
C ALA B 152 -30.38 2.66 -2.89
N THR B 153 -31.68 2.60 -3.15
CA THR B 153 -32.44 3.81 -3.37
C THR B 153 -32.56 4.59 -2.07
N SER B 154 -33.05 5.82 -2.16
CA SER B 154 -33.06 6.73 -1.02
C SER B 154 -33.98 6.28 0.13
N ASP B 155 -34.99 5.48 -0.19
CA ASP B 155 -35.90 5.00 0.85
C ASP B 155 -35.25 3.90 1.70
N TYR B 156 -34.11 3.37 1.28
CA TYR B 156 -33.35 2.43 2.12
C TYR B 156 -32.64 3.15 3.25
N SER B 157 -32.44 2.42 4.33
CA SER B 157 -31.89 2.97 5.56
C SER B 157 -30.40 3.20 5.44
N SER B 158 -29.90 3.98 6.38
CA SER B 158 -28.47 4.27 6.44
C SER B 158 -27.65 3.01 6.45
N VAL B 159 -28.03 2.02 7.28
CA VAL B 159 -27.30 0.74 7.29
C VAL B 159 -27.28 0.08 5.90
N ASP B 160 -28.43 0.09 5.22
CA ASP B 160 -28.51 -0.57 3.92
C ASP B 160 -27.73 0.21 2.86
N ARG B 161 -27.75 1.54 2.94
CA ARG B 161 -26.94 2.33 2.01
C ARG B 161 -25.46 2.00 2.15
N CYS B 162 -24.97 1.89 3.39
CA CYS B 162 -23.58 1.43 3.59
C CYS B 162 -23.32 0.05 3.02
N ASN B 163 -24.25 -0.88 3.28
CA ASN B 163 -24.07 -2.26 2.85
C ASN B 163 -23.97 -2.38 1.34
N ALA B 164 -24.70 -1.51 0.64
CA ALA B 164 -24.67 -1.51 -0.82
C ALA B 164 -23.24 -1.28 -1.31
N ALA B 165 -22.54 -0.37 -0.63
CA ALA B 165 -21.14 -0.09 -0.96
C ALA B 165 -20.22 -1.31 -0.71
N TYR B 166 -20.43 -1.99 0.42
CA TYR B 166 -19.66 -3.22 0.74
C TYR B 166 -19.96 -4.33 -0.25
N ILE B 167 -21.24 -4.49 -0.59
CA ILE B 167 -21.63 -5.52 -1.56
C ILE B 167 -20.93 -5.26 -2.89
N ALA B 168 -21.07 -4.05 -3.44
CA ALA B 168 -20.39 -3.74 -4.72
C ALA B 168 -18.90 -4.01 -4.63
N THR B 169 -18.29 -3.62 -3.52
CA THR B 169 -16.84 -3.79 -3.41
C THR B 169 -16.50 -5.29 -3.34
N ALA B 170 -17.27 -6.04 -2.56
CA ALA B 170 -17.04 -7.50 -2.42
C ALA B 170 -17.20 -8.21 -3.75
N ILE B 171 -18.26 -7.89 -4.49
CA ILE B 171 -18.41 -8.46 -5.84
C ILE B 171 -17.18 -8.16 -6.68
N ALA B 172 -16.67 -6.93 -6.61
CA ALA B 172 -15.49 -6.57 -7.39
C ALA B 172 -14.23 -7.32 -6.91
N GLU B 173 -14.10 -7.45 -5.60
CA GLU B 173 -12.98 -8.19 -5.01
C GLU B 173 -12.98 -9.63 -5.54
N PHE B 174 -14.16 -10.25 -5.62
CA PHE B 174 -14.24 -11.60 -6.15
C PHE B 174 -13.70 -11.72 -7.56
N PHE B 175 -14.11 -10.81 -8.44
CA PHE B 175 -13.61 -10.89 -9.82
C PHE B 175 -12.13 -10.60 -9.87
N ARG B 176 -11.65 -9.76 -8.95
CA ARG B 176 -10.22 -9.46 -8.91
C ARG B 176 -9.47 -10.77 -8.58
N THR B 177 -9.91 -11.45 -7.54
CA THR B 177 -9.32 -12.71 -7.14
C THR B 177 -9.28 -13.70 -8.30
N GLU B 178 -10.31 -13.68 -9.16
CA GLU B 178 -10.35 -14.54 -10.34
C GLU B 178 -9.39 -14.07 -11.42
N GLY B 179 -8.67 -12.99 -11.20
CA GLY B 179 -7.70 -12.50 -12.16
C GLY B 179 -8.18 -11.44 -13.13
N HIS B 180 -9.39 -10.94 -12.94
CA HIS B 180 -9.93 -9.97 -13.88
C HIS B 180 -9.42 -8.54 -13.65
N LYS B 181 -9.34 -7.79 -14.74
CA LYS B 181 -9.18 -6.34 -14.69
C LYS B 181 -10.55 -5.69 -14.41
N VAL B 182 -10.81 -5.33 -13.15
CA VAL B 182 -12.12 -4.85 -12.74
C VAL B 182 -12.19 -3.32 -12.53
N ALA B 183 -13.29 -2.73 -12.99
CA ALA B 183 -13.59 -1.31 -12.72
C ALA B 183 -14.77 -1.19 -11.77
N LEU B 184 -14.55 -0.46 -10.69
CA LEU B 184 -15.53 -0.27 -9.65
C LEU B 184 -15.92 1.20 -9.62
N PHE B 185 -17.21 1.43 -9.52
CA PHE B 185 -17.77 2.72 -9.48
C PHE B 185 -18.66 2.81 -8.25
N ILE B 186 -18.40 3.77 -7.41
CA ILE B 186 -19.21 4.05 -6.28
C ILE B 186 -19.71 5.47 -6.43
N ASP B 187 -20.98 5.60 -6.67
CA ASP B 187 -21.61 6.86 -6.82
C ASP B 187 -22.69 7.09 -5.66
N SER B 188 -22.48 7.81 -4.55
CA SER B 188 -21.68 8.83 -3.93
C SER B 188 -21.00 8.21 -2.73
N LEU B 189 -19.75 8.52 -2.61
CA LEU B 189 -19.03 8.44 -1.38
C LEU B 189 -19.71 9.39 -0.43
N THR B 190 -20.27 10.46 -0.96
CA THR B 190 -20.96 11.40 -0.12
C THR B 190 -22.14 10.80 0.67
N ARG B 191 -23.03 10.10 0.02
CA ARG B 191 -24.16 9.48 0.67
C ARG B 191 -23.72 8.36 1.55
N TYR B 192 -22.71 7.67 1.11
CA TYR B 192 -22.14 6.60 1.89
C TYR B 192 -21.67 7.14 3.25
N ALA B 193 -20.80 8.15 3.20
CA ALA B 193 -20.24 8.73 4.42
C ALA B 193 -21.34 9.31 5.31
N ARG B 194 -22.36 9.93 4.72
CA ARG B 194 -23.46 10.44 5.53
C ARG B 194 -24.26 9.31 6.16
N ALA B 195 -24.53 8.24 5.40
CA ALA B 195 -25.17 7.06 5.95
C ALA B 195 -24.34 6.52 7.12
N LEU B 196 -23.05 6.31 6.88
CA LEU B 196 -22.16 5.79 7.90
C LEU B 196 -22.17 6.67 9.14
N ARG B 197 -22.19 7.98 8.92
CA ARG B 197 -22.32 8.93 10.01
C ARG B 197 -23.64 8.70 10.80
N ASP B 198 -24.74 8.54 10.08
CA ASP B 198 -26.06 8.36 10.71
C ASP B 198 -26.10 7.12 11.59
N VAL B 199 -25.35 6.10 11.20
CA VAL B 199 -25.27 4.88 11.97
C VAL B 199 -24.52 5.15 13.27
N ALA B 200 -23.33 5.75 13.14
CA ALA B 200 -22.51 6.09 14.30
C ALA B 200 -23.30 6.97 15.28
N LEU B 201 -24.05 7.93 14.74
CA LEU B 201 -24.84 8.84 15.56
C LEU B 201 -25.99 8.10 16.26
N ALA B 202 -26.50 7.06 15.62
CA ALA B 202 -27.58 6.27 16.22
C ALA B 202 -26.98 5.33 17.28
N ALA B 203 -25.71 4.98 17.12
CA ALA B 203 -25.00 4.13 18.09
C ALA B 203 -24.52 4.92 19.32
N GLY B 204 -25.00 6.15 19.47
CA GLY B 204 -24.60 7.01 20.55
C GLY B 204 -23.20 7.62 20.45
N GLU B 205 -22.58 7.55 19.27
CA GLU B 205 -21.30 8.21 19.09
C GLU B 205 -21.48 9.73 18.98
N SER B 206 -20.44 10.47 19.39
CA SER B 206 -20.48 11.93 19.44
C SER B 206 -19.86 12.56 18.19
N PRO B 207 -20.54 13.56 17.59
CA PRO B 207 -19.95 14.20 16.41
C PRO B 207 -18.78 15.11 16.78
N ALA B 208 -17.69 15.06 16.00
CA ALA B 208 -16.49 15.84 16.28
C ALA B 208 -16.11 16.78 15.13
N ARG B 209 -15.64 16.17 14.05
CA ARG B 209 -14.86 16.87 13.02
C ARG B 209 -15.66 17.77 12.09
N ARG B 210 -16.98 17.77 12.26
CA ARG B 210 -17.96 18.67 11.63
C ARG B 210 -19.25 17.90 11.51
N GLY B 211 -19.73 17.43 12.66
CA GLY B 211 -20.95 16.65 12.68
C GLY B 211 -20.61 15.20 12.42
N TYR B 212 -19.32 14.90 12.32
CA TYR B 212 -18.86 13.54 12.06
C TYR B 212 -18.16 12.90 13.24
N PRO B 213 -18.76 11.86 13.83
CA PRO B 213 -18.05 10.95 14.73
C PRO B 213 -16.75 10.48 14.13
N VAL B 214 -15.71 10.39 14.96
CA VAL B 214 -14.35 10.15 14.50
C VAL B 214 -14.19 8.83 13.74
N SER B 215 -14.99 7.84 14.11
CA SER B 215 -14.93 6.52 13.49
C SER B 215 -15.25 6.54 11.99
N VAL B 216 -16.05 7.51 11.55
CA VAL B 216 -16.47 7.55 10.15
C VAL B 216 -15.26 7.74 9.24
N PHE B 217 -14.44 8.74 9.53
CA PHE B 217 -13.26 9.00 8.72
C PHE B 217 -12.14 8.02 9.02
N ASP B 218 -12.09 7.51 10.25
CA ASP B 218 -11.09 6.49 10.56
C ASP B 218 -11.39 5.20 9.80
N SER B 219 -12.68 4.93 9.54
CA SER B 219 -13.06 3.73 8.81
C SER B 219 -12.92 3.86 7.30
N LEU B 220 -12.99 5.09 6.80
CA LEU B 220 -13.00 5.35 5.35
C LEU B 220 -11.85 4.67 4.60
N PRO B 221 -10.63 4.80 5.12
CA PRO B 221 -9.55 4.22 4.31
C PRO B 221 -9.63 2.70 4.23
N ARG B 222 -10.35 2.09 5.16
CA ARG B 222 -10.52 0.64 5.12
C ARG B 222 -11.31 0.29 3.86
N LEU B 223 -12.44 0.98 3.67
CA LEU B 223 -13.24 0.80 2.45
C LEU B 223 -12.47 1.18 1.18
N LEU B 224 -11.80 2.33 1.21
CA LEU B 224 -11.20 2.90 0.01
C LEU B 224 -9.85 2.30 -0.36
N GLU B 225 -9.29 1.51 0.53
CA GLU B 225 -8.03 0.85 0.21
C GLU B 225 -8.21 -0.60 -0.21
N ARG B 226 -9.44 -1.08 -0.23
CA ARG B 226 -9.70 -2.42 -0.73
C ARG B 226 -9.40 -2.54 -2.22
N PRO B 227 -9.56 -1.42 -2.98
CA PRO B 227 -9.16 -1.54 -4.38
C PRO B 227 -7.65 -1.65 -4.53
N GLY B 228 -7.20 -1.83 -5.76
CA GLY B 228 -5.78 -2.00 -6.00
C GLY B 228 -5.52 -3.20 -6.88
N LYS B 229 -4.31 -3.23 -7.42
CA LYS B 229 -3.81 -4.33 -8.20
C LYS B 229 -3.05 -5.34 -7.30
N LEU B 230 -3.32 -6.63 -7.48
CA LEU B 230 -2.66 -7.69 -6.71
C LEU B 230 -1.47 -8.30 -7.48
N LYS B 231 -0.37 -8.58 -6.77
CA LYS B 231 0.76 -9.30 -7.35
C LYS B 231 0.29 -10.62 -7.97
N ALA B 232 -0.67 -11.26 -7.31
CA ALA B 232 -1.22 -12.54 -7.77
C ALA B 232 -2.07 -12.43 -9.04
N GLY B 233 -2.13 -11.25 -9.65
CA GLY B 233 -2.94 -11.03 -10.83
C GLY B 233 -4.34 -10.54 -10.45
N GLY B 234 -4.94 -9.72 -11.30
CA GLY B 234 -6.24 -9.15 -11.03
C GLY B 234 -6.13 -7.76 -10.42
N SER B 235 -7.12 -6.92 -10.68
CA SER B 235 -7.13 -5.58 -10.12
C SER B 235 -8.54 -5.02 -10.01
N ILE B 236 -8.69 -4.10 -9.08
CA ILE B 236 -9.81 -3.19 -9.03
C ILE B 236 -9.27 -1.77 -9.21
N THR B 237 -9.68 -1.13 -10.31
CA THR B 237 -9.53 0.32 -10.46
C THR B 237 -10.85 0.98 -10.03
N ALA B 238 -10.81 1.90 -9.07
CA ALA B 238 -12.04 2.43 -8.49
C ALA B 238 -12.21 3.94 -8.71
N PHE B 239 -13.43 4.32 -9.06
CA PHE B 239 -13.86 5.70 -9.19
C PHE B 239 -14.95 5.96 -8.18
N TYR B 240 -14.72 6.95 -7.30
CA TYR B 240 -15.66 7.32 -6.28
C TYR B 240 -16.11 8.75 -6.52
N THR B 241 -17.42 8.99 -6.53
CA THR B 241 -17.91 10.34 -6.71
C THR B 241 -18.09 11.04 -5.37
N VAL B 242 -17.81 12.33 -5.39
CA VAL B 242 -18.04 13.22 -4.27
C VAL B 242 -18.97 14.32 -4.78
N LEU B 243 -20.13 14.43 -4.17
CA LEU B 243 -21.14 15.40 -4.58
C LEU B 243 -20.97 16.70 -3.82
N LEU B 244 -20.51 17.72 -4.50
CA LEU B 244 -20.24 19.04 -3.91
C LEU B 244 -21.49 19.91 -3.93
N GLU B 245 -22.06 20.14 -2.77
CA GLU B 245 -23.23 21.00 -2.65
C GLU B 245 -22.73 22.31 -2.03
N ASP B 246 -21.93 22.16 -0.98
CA ASP B 246 -21.32 23.25 -0.26
C ASP B 246 -19.81 23.20 -0.42
N ASP B 247 -19.15 24.20 0.15
CA ASP B 247 -17.70 24.36 0.05
C ASP B 247 -16.96 23.50 1.08
N ASP B 248 -15.63 23.52 1.02
CA ASP B 248 -14.82 22.64 1.83
C ASP B 248 -14.94 22.89 3.33
N PHE B 249 -15.36 24.09 3.74
CA PHE B 249 -15.57 24.34 5.14
C PHE B 249 -16.84 23.70 5.68
N ALA B 250 -17.94 23.87 4.94
CA ALA B 250 -19.22 23.29 5.31
C ALA B 250 -19.22 21.75 5.25
N ASP B 251 -18.50 21.20 4.29
CA ASP B 251 -18.47 19.75 4.07
C ASP B 251 -17.06 19.21 4.14
N PRO B 252 -16.73 18.50 5.22
CA PRO B 252 -15.37 18.00 5.40
C PRO B 252 -15.00 16.83 4.47
N LEU B 253 -15.97 16.31 3.71
CA LEU B 253 -15.73 15.14 2.88
C LEU B 253 -14.68 15.33 1.80
N ALA B 254 -14.74 16.48 1.12
CA ALA B 254 -13.84 16.74 0.00
C ALA B 254 -12.37 16.61 0.40
N GLU B 255 -11.96 17.29 1.47
CA GLU B 255 -10.58 17.17 1.95
C GLU B 255 -10.19 15.76 2.34
N GLU B 256 -11.07 15.07 3.04
CA GLU B 256 -10.78 13.71 3.46
C GLU B 256 -10.56 12.79 2.27
N VAL B 257 -11.47 12.83 1.30
CA VAL B 257 -11.37 11.96 0.12
C VAL B 257 -10.14 12.29 -0.71
N ARG B 258 -9.93 13.57 -0.95
CA ARG B 258 -8.74 14.04 -1.67
C ARG B 258 -7.46 13.42 -1.10
N SER B 259 -7.38 13.27 0.21
CA SER B 259 -6.15 12.77 0.84
C SER B 259 -6.04 11.23 0.87
N ILE B 260 -7.17 10.53 0.90
CA ILE B 260 -7.14 9.06 0.87
C ILE B 260 -6.87 8.51 -0.52
N LEU B 261 -7.33 9.19 -1.57
CA LEU B 261 -7.27 8.61 -2.92
C LEU B 261 -6.03 9.01 -3.71
N ASP B 262 -5.94 8.60 -4.98
CA ASP B 262 -4.77 8.81 -5.81
C ASP B 262 -5.02 9.83 -6.92
N GLY B 263 -5.87 10.81 -6.61
CA GLY B 263 -6.17 11.84 -7.57
C GLY B 263 -7.63 12.20 -7.57
N HIS B 264 -7.96 13.21 -8.35
CA HIS B 264 -9.30 13.74 -8.36
C HIS B 264 -9.53 14.38 -9.70
N ILE B 265 -10.71 14.12 -10.24
CA ILE B 265 -11.22 14.82 -11.40
C ILE B 265 -12.36 15.76 -10.97
N TYR B 266 -12.18 17.05 -11.26
CA TYR B 266 -13.17 18.09 -10.95
C TYR B 266 -13.98 18.44 -12.17
N LEU B 267 -15.30 18.36 -12.01
CA LEU B 267 -16.24 18.73 -13.03
C LEU B 267 -16.66 20.18 -12.79
N SER B 268 -16.96 20.89 -13.87
CA SER B 268 -17.20 22.32 -13.82
C SER B 268 -18.59 22.67 -14.33
N ARG B 269 -19.37 23.39 -13.53
CA ARG B 269 -20.69 23.86 -13.94
C ARG B 269 -20.53 24.85 -15.07
N ASN B 270 -19.49 25.66 -14.98
CA ASN B 270 -19.21 26.64 -15.99
C ASN B 270 -18.96 25.99 -17.36
N LEU B 271 -18.16 24.94 -17.38
CA LEU B 271 -17.97 24.20 -18.61
C LEU B 271 -19.27 23.57 -19.09
N ALA B 272 -20.02 22.97 -18.19
CA ALA B 272 -21.23 22.25 -18.57
C ALA B 272 -22.24 23.24 -19.17
N GLN B 273 -22.32 24.43 -18.59
CA GLN B 273 -23.20 25.49 -19.07
C GLN B 273 -22.80 26.11 -20.41
N LYS B 274 -21.59 25.83 -20.90
CA LYS B 274 -21.24 26.10 -22.29
C LYS B 274 -21.36 24.85 -23.18
N GLY B 275 -21.97 23.79 -22.66
CA GLY B 275 -22.03 22.54 -23.42
C GLY B 275 -20.67 21.90 -23.72
N GLN B 276 -19.65 22.21 -22.91
CA GLN B 276 -18.33 21.59 -23.07
C GLN B 276 -18.25 20.29 -22.22
N PHE B 277 -18.57 19.17 -22.86
CA PHE B 277 -18.63 17.87 -22.21
C PHE B 277 -17.59 16.91 -22.79
N PRO B 278 -16.99 16.04 -21.96
CA PRO B 278 -17.15 15.98 -20.50
C PRO B 278 -16.61 17.26 -19.85
N ALA B 279 -17.28 17.72 -18.81
CA ALA B 279 -17.04 19.04 -18.25
C ALA B 279 -15.88 19.02 -17.27
N ILE B 280 -14.74 18.56 -17.74
CA ILE B 280 -13.61 18.36 -16.87
C ILE B 280 -12.75 19.61 -16.82
N ASP B 281 -12.50 20.10 -15.62
CA ASP B 281 -11.53 21.18 -15.42
C ASP B 281 -10.15 20.59 -15.13
N SER B 282 -9.31 20.51 -16.15
CA SER B 282 -7.99 19.91 -16.04
C SER B 282 -7.13 20.58 -14.99
N LEU B 283 -7.25 21.91 -14.93
CA LEU B 283 -6.42 22.70 -14.03
C LEU B 283 -6.70 22.34 -12.58
N LYS B 284 -7.93 21.93 -12.29
CA LYS B 284 -8.28 21.50 -10.93
C LYS B 284 -8.13 20.00 -10.72
N SER B 285 -7.73 19.26 -11.75
CA SER B 285 -7.70 17.81 -11.68
C SER B 285 -6.30 17.28 -11.70
N ILE B 286 -6.09 16.17 -10.98
CA ILE B 286 -4.81 15.49 -11.01
C ILE B 286 -4.94 13.99 -10.86
N SER B 287 -4.04 13.28 -11.53
CA SER B 287 -3.78 11.88 -11.24
C SER B 287 -2.44 11.76 -10.52
N ARG B 288 -2.46 11.30 -9.28
CA ARG B 288 -1.25 11.23 -8.49
C ARG B 288 -0.30 10.10 -8.94
N VAL B 289 -0.78 9.17 -9.76
CA VAL B 289 0.07 8.10 -10.30
C VAL B 289 0.55 8.43 -11.69
N PHE B 290 0.25 9.64 -12.16
CA PHE B 290 0.50 10.05 -13.56
C PHE B 290 1.88 9.62 -14.05
N THR B 291 2.92 10.14 -13.41
CA THR B 291 4.31 9.90 -13.80
C THR B 291 4.66 8.41 -13.85
N GLN B 292 4.18 7.64 -12.87
CA GLN B 292 4.39 6.18 -12.83
C GLN B 292 3.87 5.40 -14.02
N VAL B 293 2.78 5.85 -14.63
CA VAL B 293 2.08 4.97 -15.59
C VAL B 293 2.28 5.43 -17.02
N VAL B 294 2.99 6.52 -17.18
CA VAL B 294 3.17 7.12 -18.49
C VAL B 294 4.67 7.31 -18.81
N ASP B 295 5.05 7.24 -20.10
CA ASP B 295 6.45 7.41 -20.48
C ASP B 295 6.84 8.89 -20.47
N GLU B 296 8.10 9.16 -20.81
CA GLU B 296 8.65 10.49 -20.67
C GLU B 296 8.18 11.40 -21.80
N LYS B 297 8.07 10.87 -23.01
CA LYS B 297 7.52 11.65 -24.13
C LYS B 297 6.09 12.13 -23.81
N HIS B 298 5.29 11.22 -23.24
CA HIS B 298 3.95 11.57 -22.78
C HIS B 298 4.02 12.67 -21.73
N ARG B 299 4.87 12.51 -20.71
CA ARG B 299 5.00 13.52 -19.65
C ARG B 299 5.27 14.89 -20.23
N ILE B 300 6.10 14.93 -21.26
CA ILE B 300 6.52 16.20 -21.86
C ILE B 300 5.36 16.81 -22.64
N ALA B 302 2.09 16.20 -22.33
CA ALA B 302 1.07 16.58 -21.38
C ALA B 302 1.39 17.95 -20.79
N ALA B 303 2.63 18.10 -20.35
CA ALA B 303 3.08 19.33 -19.70
C ALA B 303 3.05 20.49 -20.68
N ALA B 304 3.44 20.21 -21.92
CA ALA B 304 3.35 21.20 -22.98
C ALA B 304 1.89 21.63 -23.15
N PHE B 305 0.96 20.66 -23.12
CA PHE B 305 -0.46 20.97 -23.32
C PHE B 305 -0.97 21.83 -22.19
N ARG B 306 -0.57 21.53 -20.96
CA ARG B 306 -1.04 22.32 -19.82
C ARG B 306 -0.55 23.76 -19.93
N GLU B 307 0.69 23.95 -20.38
CA GLU B 307 1.23 25.28 -20.58
C GLU B 307 0.46 26.02 -21.68
N LEU B 308 0.12 25.30 -22.76
CA LEU B 308 -0.69 25.88 -23.82
C LEU B 308 -2.02 26.40 -23.30
N LEU B 309 -2.67 25.65 -22.41
CA LEU B 309 -3.94 26.11 -21.84
C LEU B 309 -3.70 27.39 -21.06
N SER B 310 -2.63 27.38 -20.28
CA SER B 310 -2.21 28.55 -19.51
C SER B 310 -1.97 29.73 -20.47
N GLU B 311 -1.16 29.50 -21.51
CA GLU B 311 -0.84 30.56 -22.48
C GLU B 311 -2.09 31.20 -23.05
N ILE B 312 -3.04 30.34 -23.39
CA ILE B 312 -4.30 30.76 -24.01
C ILE B 312 -5.11 31.67 -23.11
N GLU B 313 -5.13 31.37 -21.82
CA GLU B 313 -5.83 32.20 -20.86
C GLU B 313 -5.19 33.58 -20.79
N GLU B 314 -3.87 33.60 -20.70
CA GLU B 314 -3.13 34.86 -20.63
C GLU B 314 -3.26 35.68 -21.92
N LEU B 315 -3.71 35.05 -23.01
CA LEU B 315 -3.83 35.70 -24.32
C LEU B 315 -5.28 35.98 -24.69
N ARG B 316 -6.18 35.33 -23.99
CA ARG B 316 -7.61 35.41 -24.27
C ARG B 316 -8.10 36.84 -24.38
N THR B 317 -7.76 37.69 -23.43
CA THR B 317 -8.37 39.01 -23.42
C THR B 317 -7.82 39.92 -24.53
N ILE B 318 -7.03 39.39 -25.46
CA ILE B 318 -6.70 40.13 -26.66
C ILE B 318 -7.83 40.07 -27.71
N ILE B 319 -8.69 39.04 -27.64
CA ILE B 319 -9.91 39.01 -28.46
C ILE B 319 -11.05 39.73 -27.73
N ASP B 320 -12.01 40.25 -28.49
CA ASP B 320 -13.27 40.71 -27.89
C ASP B 320 -14.35 39.63 -28.01
N LYS B 325 -15.19 38.93 -35.59
CA LYS B 325 -15.20 38.39 -36.96
C LYS B 325 -13.81 37.88 -37.34
N PRO B 326 -13.74 36.66 -37.91
CA PRO B 326 -12.43 36.11 -38.25
C PRO B 326 -11.77 36.88 -39.41
N GLY B 327 -10.47 36.70 -39.58
CA GLY B 327 -9.76 37.29 -40.71
C GLY B 327 -9.40 38.75 -40.52
N GLU B 328 -10.04 39.40 -39.55
CA GLU B 328 -9.82 40.82 -39.34
C GLU B 328 -8.42 41.11 -38.79
N ASN B 329 -7.97 40.27 -37.85
CA ASN B 329 -6.66 40.43 -37.21
C ASN B 329 -5.94 39.09 -37.09
N ALA B 330 -4.79 38.98 -37.76
CA ALA B 330 -4.05 37.73 -37.80
C ALA B 330 -3.71 37.24 -36.38
N SER B 331 -3.31 38.17 -35.53
CA SER B 331 -2.91 37.83 -34.17
C SER B 331 -4.11 37.29 -33.37
N GLN B 332 -5.25 37.95 -33.50
CA GLN B 332 -6.45 37.54 -32.77
C GLN B 332 -6.99 36.23 -33.32
N ASP B 333 -6.91 36.07 -34.63
CA ASP B 333 -7.27 34.83 -35.29
C ASP B 333 -6.45 33.66 -34.76
N LYS B 334 -5.14 33.88 -34.68
CA LYS B 334 -4.23 32.83 -34.22
C LYS B 334 -4.64 32.33 -32.84
N ILE B 335 -5.01 33.24 -31.95
CA ILE B 335 -5.45 32.89 -30.60
C ILE B 335 -6.80 32.17 -30.63
N TYR B 336 -7.73 32.70 -31.41
CA TYR B 336 -9.05 32.11 -31.57
C TYR B 336 -8.98 30.66 -32.05
N ASN B 337 -8.18 30.42 -33.09
CA ASN B 337 -8.04 29.08 -33.64
C ASN B 337 -7.31 28.15 -32.68
N LYS B 338 -6.40 28.72 -31.91
CA LYS B 338 -5.74 27.98 -30.83
C LYS B 338 -6.80 27.50 -29.86
N ILE B 339 -7.72 28.40 -29.51
CA ILE B 339 -8.78 28.08 -28.57
C ILE B 339 -9.67 26.97 -29.15
N SER B 340 -10.09 27.12 -30.40
CA SER B 340 -11.08 26.21 -30.95
C SER B 340 -10.48 24.82 -31.10
N VAL B 341 -9.19 24.76 -31.44
CA VAL B 341 -8.51 23.47 -31.58
C VAL B 341 -8.39 22.80 -30.22
N VAL B 342 -8.08 23.58 -29.19
CA VAL B 342 -7.99 23.06 -27.83
C VAL B 342 -9.38 22.59 -27.38
N GLU B 343 -10.38 23.44 -27.55
CA GLU B 343 -11.75 23.06 -27.20
C GLU B 343 -12.19 21.79 -27.91
N SER B 344 -11.81 21.67 -29.18
CA SER B 344 -12.17 20.51 -29.98
C SER B 344 -11.51 19.27 -29.38
N PHE B 345 -10.29 19.42 -28.90
CA PHE B 345 -9.60 18.30 -28.32
C PHE B 345 -10.32 17.85 -27.05
N LEU B 346 -10.70 18.81 -26.23
CA LEU B 346 -11.26 18.51 -24.91
C LEU B 346 -12.63 17.89 -25.00
N LYS B 347 -13.44 18.42 -25.90
CA LYS B 347 -14.82 18.00 -26.02
C LYS B 347 -14.88 16.65 -26.69
N GLN B 348 -15.82 15.83 -26.27
CA GLN B 348 -15.93 14.49 -26.81
C GLN B 348 -17.39 14.04 -26.86
N ASP B 349 -17.86 13.69 -28.04
CA ASP B 349 -19.20 13.14 -28.18
C ASP B 349 -19.32 11.84 -27.41
N TYR B 350 -20.46 11.67 -26.73
CA TYR B 350 -20.67 10.51 -25.85
C TYR B 350 -20.51 9.15 -26.53
N ARG B 351 -20.60 9.11 -27.85
CA ARG B 351 -20.55 7.86 -28.62
C ARG B 351 -19.11 7.44 -29.02
N LEU B 352 -18.16 8.36 -28.88
CA LEU B 352 -16.80 8.15 -29.36
C LEU B 352 -15.78 7.84 -28.25
N GLY B 353 -14.98 6.81 -28.48
CA GLY B 353 -13.83 6.51 -27.64
C GLY B 353 -12.55 6.67 -28.44
N PHE B 354 -11.48 7.11 -27.80
CA PHE B 354 -10.19 7.28 -28.48
C PHE B 354 -9.12 6.38 -27.90
N THR B 355 -8.37 5.72 -28.78
CA THR B 355 -7.26 4.89 -28.34
C THR B 355 -6.15 5.78 -27.80
N TYR B 356 -5.22 5.18 -27.08
CA TYR B 356 -4.07 5.90 -26.56
C TYR B 356 -3.33 6.63 -27.68
N GLU B 357 -3.08 5.92 -28.78
CA GLU B 357 -2.36 6.49 -29.94
C GLU B 357 -3.09 7.68 -30.59
N GLN B 358 -4.39 7.54 -30.82
CA GLN B 358 -5.18 8.65 -31.35
C GLN B 358 -5.11 9.90 -30.46
N THR B 359 -5.33 9.70 -29.16
CA THR B 359 -5.33 10.81 -28.21
C THR B 359 -3.99 11.53 -28.25
N GLU B 361 -1.65 11.40 -30.54
CA GLU B 361 -1.47 12.04 -31.83
C GLU B 361 -2.15 13.41 -31.82
N LEU B 362 -3.41 13.44 -31.39
CA LEU B 362 -4.20 14.66 -31.42
C LEU B 362 -3.63 15.72 -30.50
N ILE B 363 -3.13 15.32 -29.35
CA ILE B 363 -2.58 16.31 -28.44
C ILE B 363 -1.28 16.88 -29.04
N GLY B 364 -0.52 16.01 -29.70
CA GLY B 364 0.70 16.42 -30.37
C GLY B 364 0.48 17.45 -31.47
N GLU B 365 -0.67 17.34 -32.14
CA GLU B 365 -1.01 18.29 -33.19
C GLU B 365 -1.24 19.69 -32.61
N THR B 366 -1.77 19.75 -31.39
CA THR B 366 -2.15 21.04 -30.80
C THR B 366 -0.95 21.85 -30.31
N ILE B 367 0.16 21.20 -30.00
CA ILE B 367 1.30 21.89 -29.38
C ILE B 367 2.44 22.21 -30.35
N ARG B 368 2.53 21.49 -31.47
CA ARG B 368 3.55 21.78 -32.47
C ARG B 368 3.29 23.14 -33.13
#